data_8FZB
#
_entry.id   8FZB
#
_cell.length_a   160.701
_cell.length_b   160.701
_cell.length_c   351.790
_cell.angle_alpha   90.00
_cell.angle_beta   90.00
_cell.angle_gamma   90.00
#
_symmetry.space_group_name_H-M   'I 4 2 2'
#
loop_
_entity.id
_entity.type
_entity.pdbx_description
1 polymer 'Protein-lysine N-methyltransferase EEF2KMT'
2 non-polymer S-ADENOSYL-L-HOMOCYSTEINE
#
_entity_poly.entity_id   1
_entity_poly.type   'polypeptide(L)'
_entity_poly.pdbx_seq_one_letter_code
;GMAPEENAGTELLLQSFERRFLAARTLRSFPWQSLEAKLRDSSDSELLRDILHKTVKHPVCVKHPPSVKYARCFLSELIK
KHEAVHTEPLDELYEALAETLMAKESTQGHRSYLLPSGGSVTLSESTAIISYGTTGLVTWDAALYLAEWAIENPAVFTNR
TVLELGSGAGLTGLAICKMCRPRAYIFSDCHSRVLEQLRGNVLLNGLSLEADITAKLDSPRVTVAQLDWDVATVHQLSAF
QPDVVIAADVLYCPEAYYSLVGVLRRLAACREHQRAPEVYVAFTVRNPETCQLFTTYLGRAGIRWEVEPRHEQKLFPYEE
HLEMAMLNLTL
;
_entity_poly.pdbx_strand_id   A,B,C
#
# COMPACT_ATOMS: atom_id res chain seq x y z
N ASN A 7 31.14 -46.41 -11.73
CA ASN A 7 31.45 -46.02 -10.35
C ASN A 7 30.93 -44.62 -10.05
N ALA A 8 31.12 -43.71 -11.00
CA ALA A 8 30.70 -42.32 -10.79
C ALA A 8 29.20 -42.22 -10.58
N GLY A 9 28.42 -43.04 -11.29
CA GLY A 9 26.98 -43.04 -11.11
C GLY A 9 26.57 -43.40 -9.70
N THR A 10 27.25 -44.37 -9.09
CA THR A 10 26.93 -44.78 -7.73
C THR A 10 27.22 -43.68 -6.73
N GLU A 11 28.35 -42.99 -6.88
CA GLU A 11 28.68 -41.90 -5.97
C GLU A 11 27.70 -40.73 -6.13
N LEU A 12 27.33 -40.41 -7.37
CA LEU A 12 26.36 -39.35 -7.60
C LEU A 12 25.00 -39.72 -7.01
N LEU A 13 24.61 -41.01 -7.13
CA LEU A 13 23.37 -41.47 -6.54
C LEU A 13 23.40 -41.36 -5.02
N LEU A 14 24.52 -41.72 -4.41
CA LEU A 14 24.64 -41.62 -2.96
C LEU A 14 24.55 -40.16 -2.51
N GLN A 15 25.23 -39.26 -3.23
CA GLN A 15 25.12 -37.84 -2.91
C GLN A 15 23.68 -37.36 -3.02
N SER A 16 22.98 -37.78 -4.09
CA SER A 16 21.60 -37.37 -4.27
C SER A 16 20.72 -37.84 -3.11
N PHE A 17 20.85 -39.11 -2.73
CA PHE A 17 20.05 -39.63 -1.63
C PHE A 17 20.36 -38.90 -0.33
N GLU A 18 21.65 -38.71 -0.02
CA GLU A 18 22.04 -37.99 1.19
C GLU A 18 21.40 -36.60 1.24
N ARG A 19 21.62 -35.81 0.18
CA ARG A 19 21.16 -34.43 0.20
C ARG A 19 19.65 -34.33 0.18
N ARG A 20 18.97 -35.25 -0.50
CA ARG A 20 17.50 -35.19 -0.57
C ARG A 20 16.86 -35.64 0.73
N PHE A 21 17.46 -36.64 1.40
CA PHE A 21 16.90 -37.07 2.68
C PHE A 21 17.16 -36.04 3.77
N LEU A 22 18.39 -35.53 3.86
CA LEU A 22 18.72 -34.50 4.83
C LEU A 22 17.81 -33.29 4.70
N ALA A 23 17.55 -32.85 3.47
CA ALA A 23 16.71 -31.69 3.23
C ALA A 23 15.23 -31.99 3.33
N ALA A 24 14.85 -33.23 3.66
CA ALA A 24 13.45 -33.63 3.81
C ALA A 24 12.64 -33.32 2.55
N ARG A 25 13.24 -33.57 1.38
CA ARG A 25 12.55 -33.34 0.12
C ARG A 25 11.43 -34.38 -0.06
N THR A 26 10.58 -34.13 -1.05
CA THR A 26 9.44 -35.00 -1.29
C THR A 26 9.89 -36.40 -1.68
N LEU A 27 9.11 -37.39 -1.25
CA LEU A 27 9.44 -38.79 -1.53
C LEU A 27 9.50 -39.07 -3.01
N ARG A 28 8.64 -38.41 -3.80
CA ARG A 28 8.64 -38.62 -5.25
C ARG A 28 9.91 -38.12 -5.91
N SER A 29 10.69 -37.26 -5.24
CA SER A 29 11.91 -36.71 -5.81
C SER A 29 13.10 -37.65 -5.69
N PHE A 30 12.99 -38.74 -4.94
CA PHE A 30 14.11 -39.66 -4.81
C PHE A 30 14.31 -40.43 -6.11
N PRO A 31 15.54 -40.59 -6.56
CA PRO A 31 15.84 -41.29 -7.83
C PRO A 31 15.77 -42.81 -7.66
N TRP A 32 14.55 -43.33 -7.60
CA TRP A 32 14.35 -44.74 -7.32
C TRP A 32 14.73 -45.62 -8.50
N GLN A 33 14.67 -45.10 -9.73
CA GLN A 33 14.94 -45.94 -10.90
C GLN A 33 16.42 -46.27 -11.04
N SER A 34 17.29 -45.29 -10.77
CA SER A 34 18.72 -45.57 -10.78
C SER A 34 19.08 -46.60 -9.71
N LEU A 35 18.44 -46.50 -8.53
CA LEU A 35 18.64 -47.50 -7.50
C LEU A 35 18.14 -48.87 -7.96
N GLU A 36 17.00 -48.89 -8.68
CA GLU A 36 16.50 -50.15 -9.22
C GLU A 36 17.52 -50.79 -10.15
N ALA A 37 18.08 -50.00 -11.07
CA ALA A 37 19.07 -50.53 -12.00
C ALA A 37 20.31 -51.03 -11.27
N LYS A 38 20.80 -50.24 -10.30
CA LYS A 38 22.02 -50.64 -9.59
C LYS A 38 21.79 -51.89 -8.74
N LEU A 39 20.59 -52.05 -8.18
CA LEU A 39 20.28 -53.25 -7.42
C LEU A 39 20.07 -54.46 -8.33
N ARG A 40 19.58 -54.23 -9.55
CA ARG A 40 19.44 -55.34 -10.50
C ARG A 40 20.80 -55.81 -10.99
N ASP A 41 21.74 -54.88 -11.18
CA ASP A 41 23.04 -55.26 -11.73
C ASP A 41 23.96 -55.93 -10.70
N SER A 42 23.75 -55.70 -9.41
CA SER A 42 24.60 -56.26 -8.37
C SER A 42 23.73 -56.82 -7.25
N SER A 43 24.04 -58.03 -6.82
CA SER A 43 23.38 -58.65 -5.67
C SER A 43 23.95 -58.18 -4.34
N ASP A 44 24.78 -57.13 -4.35
CA ASP A 44 25.46 -56.66 -3.15
C ASP A 44 24.57 -55.68 -2.41
N SER A 45 24.24 -55.99 -1.16
CA SER A 45 23.44 -55.11 -0.33
C SER A 45 24.26 -53.98 0.28
N GLU A 46 25.54 -53.87 -0.05
CA GLU A 46 26.36 -52.80 0.52
C GLU A 46 25.94 -51.43 0.00
N LEU A 47 25.34 -51.36 -1.18
CA LEU A 47 24.81 -50.08 -1.66
C LEU A 47 23.65 -49.61 -0.79
N LEU A 48 22.74 -50.53 -0.45
CA LEU A 48 21.66 -50.17 0.46
C LEU A 48 22.20 -49.82 1.83
N ARG A 49 23.28 -50.48 2.27
CA ARG A 49 23.90 -50.12 3.54
C ARG A 49 24.50 -48.72 3.50
N ASP A 50 25.13 -48.36 2.38
CA ASP A 50 25.69 -47.02 2.22
C ASP A 50 24.59 -45.97 2.20
N ILE A 51 23.47 -46.28 1.54
CA ILE A 51 22.32 -45.39 1.59
C ILE A 51 21.82 -45.24 3.03
N LEU A 52 21.80 -46.34 3.78
CA LEU A 52 21.36 -46.31 5.16
C LEU A 52 22.25 -45.41 6.01
N HIS A 53 23.57 -45.52 5.83
CA HIS A 53 24.49 -44.73 6.63
C HIS A 53 24.56 -43.27 6.20
N LYS A 54 24.20 -42.97 4.95
CA LYS A 54 24.19 -41.59 4.47
C LYS A 54 22.85 -40.91 4.69
N THR A 55 21.84 -41.63 5.18
CA THR A 55 20.53 -41.05 5.44
C THR A 55 20.15 -41.13 6.91
N VAL A 56 19.40 -42.17 7.29
CA VAL A 56 18.86 -42.23 8.65
C VAL A 56 19.97 -42.34 9.69
N LYS A 57 21.12 -42.92 9.32
CA LYS A 57 22.24 -43.06 10.23
C LYS A 57 23.32 -42.01 10.00
N HIS A 58 23.00 -40.97 9.22
CA HIS A 58 23.95 -39.88 9.02
C HIS A 58 24.08 -39.09 10.32
N PRO A 59 25.30 -38.68 10.70
CA PRO A 59 25.48 -38.02 12.00
C PRO A 59 24.61 -36.79 12.20
N VAL A 60 24.43 -35.99 11.15
CA VAL A 60 23.60 -34.80 11.28
C VAL A 60 22.13 -35.18 11.52
N CYS A 61 21.64 -36.25 10.86
CA CYS A 61 20.33 -36.79 11.22
C CYS A 61 20.30 -37.26 12.67
N VAL A 62 21.33 -37.99 13.08
CA VAL A 62 21.34 -38.56 14.43
C VAL A 62 21.23 -37.45 15.47
N LYS A 63 21.86 -36.31 15.21
CA LYS A 63 21.78 -35.21 16.14
C LYS A 63 20.45 -34.46 16.01
N HIS A 64 19.94 -34.30 14.79
CA HIS A 64 18.71 -33.56 14.52
C HIS A 64 17.83 -34.38 13.59
N PRO A 65 17.04 -35.29 14.14
CA PRO A 65 16.26 -36.18 13.28
C PRO A 65 15.08 -35.45 12.66
N PRO A 66 14.65 -35.84 11.47
CA PRO A 66 13.43 -35.29 10.89
C PRO A 66 12.21 -35.91 11.55
N SER A 67 11.03 -35.57 11.03
CA SER A 67 9.80 -36.15 11.53
C SER A 67 9.84 -37.67 11.35
N VAL A 68 9.36 -38.38 12.37
CA VAL A 68 9.41 -39.84 12.37
C VAL A 68 8.62 -40.41 11.20
N LYS A 69 7.56 -39.72 10.79
CA LYS A 69 6.79 -40.13 9.62
C LYS A 69 7.67 -40.24 8.39
N TYR A 70 8.47 -39.21 8.12
CA TYR A 70 9.42 -39.23 7.02
C TYR A 70 10.34 -40.44 7.11
N ALA A 71 10.91 -40.69 8.29
CA ALA A 71 11.85 -41.78 8.46
C ALA A 71 11.20 -43.13 8.16
N ARG A 72 10.00 -43.36 8.69
CA ARG A 72 9.36 -44.66 8.52
C ARG A 72 8.90 -44.87 7.08
N CYS A 73 8.37 -43.82 6.43
CA CYS A 73 8.01 -43.96 5.02
C CYS A 73 9.24 -44.24 4.16
N PHE A 74 10.34 -43.52 4.40
CA PHE A 74 11.55 -43.74 3.63
C PHE A 74 12.08 -45.15 3.82
N LEU A 75 12.13 -45.62 5.08
CA LEU A 75 12.65 -46.95 5.34
C LEU A 75 11.73 -48.04 4.79
N SER A 76 10.41 -47.81 4.81
CA SER A 76 9.50 -48.79 4.23
C SER A 76 9.68 -48.90 2.73
N GLU A 77 9.79 -47.75 2.05
CA GLU A 77 10.02 -47.79 0.60
C GLU A 77 11.38 -48.40 0.27
N LEU A 78 12.39 -48.15 1.11
CA LEU A 78 13.71 -48.72 0.85
C LEU A 78 13.69 -50.23 1.06
N ILE A 79 12.95 -50.71 2.06
CA ILE A 79 12.76 -52.15 2.25
C ILE A 79 12.03 -52.74 1.04
N LYS A 80 11.01 -52.05 0.55
CA LYS A 80 10.26 -52.54 -0.60
C LYS A 80 11.16 -52.65 -1.83
N LYS A 81 12.06 -51.69 -2.02
CA LYS A 81 13.00 -51.78 -3.14
C LYS A 81 14.05 -52.86 -2.90
N HIS A 82 14.39 -53.14 -1.63
CA HIS A 82 15.32 -54.20 -1.32
C HIS A 82 14.72 -55.58 -1.59
N GLU A 83 13.41 -55.72 -1.39
CA GLU A 83 12.77 -57.03 -1.51
C GLU A 83 12.69 -57.52 -2.95
N ALA A 84 12.74 -56.63 -3.93
CA ALA A 84 12.60 -57.04 -5.33
C ALA A 84 13.79 -57.86 -5.80
N VAL A 85 14.99 -57.57 -5.30
CA VAL A 85 16.20 -58.25 -5.74
C VAL A 85 16.41 -59.44 -4.81
N HIS A 86 17.57 -60.10 -4.91
CA HIS A 86 17.85 -61.30 -4.11
C HIS A 86 17.67 -61.02 -2.62
N THR A 87 16.96 -61.93 -1.95
CA THR A 87 16.58 -61.74 -0.55
C THR A 87 17.73 -62.20 0.36
N GLU A 88 18.83 -61.47 0.29
CA GLU A 88 19.89 -61.60 1.27
C GLU A 88 19.58 -60.62 2.39
N PRO A 89 19.00 -61.09 3.50
CA PRO A 89 18.47 -60.17 4.51
C PRO A 89 19.58 -59.33 5.15
N LEU A 90 19.46 -58.01 5.00
CA LEU A 90 20.39 -57.07 5.62
C LEU A 90 19.83 -56.71 6.99
N ASP A 91 20.51 -57.18 8.04
CA ASP A 91 20.02 -56.98 9.41
C ASP A 91 19.92 -55.51 9.78
N GLU A 92 20.78 -54.67 9.18
CA GLU A 92 20.82 -53.27 9.58
C GLU A 92 19.55 -52.52 9.20
N LEU A 93 19.01 -52.78 8.00
CA LEU A 93 17.79 -52.11 7.59
C LEU A 93 16.64 -52.42 8.53
N TYR A 94 16.45 -53.70 8.85
CA TYR A 94 15.33 -54.09 9.70
C TYR A 94 15.53 -53.63 11.14
N GLU A 95 16.77 -53.67 11.64
CA GLU A 95 17.03 -53.16 12.98
C GLU A 95 16.79 -51.65 13.05
N ALA A 96 17.19 -50.92 12.00
CA ALA A 96 16.96 -49.49 11.98
C ALA A 96 15.47 -49.18 11.94
N LEU A 97 14.71 -49.91 11.10
CA LEU A 97 13.26 -49.70 11.06
C LEU A 97 12.63 -50.04 12.41
N ALA A 98 13.13 -51.07 13.08
CA ALA A 98 12.68 -51.37 14.43
C ALA A 98 12.92 -50.19 15.36
N GLU A 99 14.11 -49.59 15.31
CA GLU A 99 14.40 -48.44 16.17
C GLU A 99 13.46 -47.27 15.87
N THR A 100 13.27 -46.95 14.59
CA THR A 100 12.34 -45.87 14.23
C THR A 100 10.96 -46.14 14.79
N LEU A 101 10.45 -47.36 14.59
CA LEU A 101 9.06 -47.63 14.94
C LEU A 101 8.93 -47.82 16.44
N MET A 102 9.83 -48.61 17.06
CA MET A 102 9.56 -49.13 18.38
C MET A 102 9.49 -48.04 19.44
N ALA A 103 10.24 -46.95 19.28
CA ALA A 103 10.45 -46.02 20.37
C ALA A 103 10.15 -44.59 19.97
N LYS A 104 9.87 -43.78 21.00
CA LYS A 104 9.79 -42.32 20.94
C LYS A 104 8.51 -41.81 20.30
N GLU A 105 8.39 -40.48 20.20
CA GLU A 105 7.25 -39.80 19.63
C GLU A 105 7.71 -38.89 18.49
N SER A 106 6.75 -38.17 17.90
CA SER A 106 7.04 -37.38 16.71
C SER A 106 7.97 -36.22 17.03
N THR A 107 7.76 -35.58 18.19
CA THR A 107 8.54 -34.42 18.65
C THR A 107 8.46 -33.36 17.55
N GLN A 108 9.58 -32.79 17.11
CA GLN A 108 9.59 -31.75 16.08
C GLN A 108 10.51 -32.15 14.94
N GLY A 109 10.26 -31.56 13.77
CA GLY A 109 11.01 -31.90 12.58
C GLY A 109 12.21 -30.98 12.34
N HIS A 110 13.19 -31.52 11.62
CA HIS A 110 14.41 -30.80 11.28
C HIS A 110 14.79 -31.07 9.84
N ARG A 111 15.28 -30.04 9.16
CA ARG A 111 15.85 -30.18 7.83
C ARG A 111 17.29 -29.68 7.86
N SER A 112 18.19 -30.46 7.28
CA SER A 112 19.60 -30.12 7.29
C SER A 112 20.12 -30.00 5.86
N TYR A 113 21.08 -29.10 5.68
CA TYR A 113 21.65 -28.81 4.37
C TYR A 113 23.16 -28.80 4.49
N LEU A 114 23.83 -29.60 3.65
CA LEU A 114 25.27 -29.75 3.73
C LEU A 114 25.97 -28.59 3.02
N LEU A 115 27.13 -28.22 3.54
CA LEU A 115 27.94 -27.12 3.04
C LEU A 115 29.28 -27.65 2.52
N PRO A 116 29.94 -26.91 1.63
CA PRO A 116 31.23 -27.40 1.09
C PRO A 116 32.32 -27.52 2.14
N SER A 117 32.23 -26.74 3.23
CA SER A 117 33.24 -26.77 4.28
C SER A 117 33.16 -28.02 5.14
N GLY A 118 32.22 -28.93 4.88
CA GLY A 118 32.01 -30.08 5.72
C GLY A 118 30.99 -29.86 6.82
N GLY A 119 30.62 -28.62 7.10
CA GLY A 119 29.60 -28.32 8.07
C GLY A 119 28.21 -28.43 7.48
N SER A 120 27.22 -28.03 8.28
CA SER A 120 25.83 -28.14 7.86
C SER A 120 25.03 -27.02 8.50
N VAL A 121 23.92 -26.68 7.85
CA VAL A 121 22.92 -25.76 8.39
C VAL A 121 21.70 -26.60 8.76
N THR A 122 21.36 -26.59 10.05
CA THR A 122 20.23 -27.35 10.58
C THR A 122 19.13 -26.38 10.97
N LEU A 123 17.94 -26.60 10.42
CA LEU A 123 16.80 -25.73 10.63
C LEU A 123 15.66 -26.53 11.23
N SER A 124 14.88 -25.91 12.11
CA SER A 124 13.73 -26.57 12.72
C SER A 124 12.42 -26.02 12.16
N GLU A 125 12.31 -25.99 10.83
CA GLU A 125 11.14 -25.37 10.23
C GLU A 125 9.94 -26.31 10.37
N SER A 126 8.77 -25.73 10.57
CA SER A 126 7.56 -26.46 10.92
C SER A 126 6.51 -26.29 9.83
N THR A 127 5.39 -26.98 10.00
CA THR A 127 4.28 -26.90 9.07
C THR A 127 3.31 -25.80 9.48
N THR A 135 3.36 -18.65 5.75
CA THR A 135 4.12 -19.49 4.83
C THR A 135 5.62 -19.29 5.01
N GLY A 136 5.99 -18.40 5.93
CA GLY A 136 7.39 -18.15 6.20
C GLY A 136 8.07 -19.15 7.10
N LEU A 137 7.33 -20.14 7.62
CA LEU A 137 7.89 -21.18 8.47
C LEU A 137 8.45 -22.35 7.66
N VAL A 138 8.70 -22.15 6.36
CA VAL A 138 9.24 -23.18 5.51
C VAL A 138 10.43 -22.60 4.73
N THR A 139 11.32 -23.49 4.27
CA THR A 139 12.48 -23.12 3.47
C THR A 139 12.12 -23.25 2.01
N TRP A 140 11.87 -22.11 1.37
CA TRP A 140 11.55 -22.09 -0.05
C TRP A 140 12.81 -22.32 -0.88
N ASP A 141 12.59 -22.68 -2.15
CA ASP A 141 13.72 -23.04 -3.01
C ASP A 141 14.58 -21.84 -3.35
N ALA A 142 13.97 -20.67 -3.54
CA ALA A 142 14.76 -19.48 -3.88
C ALA A 142 15.76 -19.15 -2.79
N ALA A 143 15.47 -19.52 -1.54
CA ALA A 143 16.46 -19.40 -0.48
C ALA A 143 17.67 -20.26 -0.78
N LEU A 144 17.45 -21.52 -1.19
CA LEU A 144 18.54 -22.40 -1.59
C LEU A 144 19.32 -21.82 -2.77
N TYR A 145 18.60 -21.27 -3.75
CA TYR A 145 19.23 -20.69 -4.93
C TYR A 145 20.13 -19.52 -4.55
N LEU A 146 19.62 -18.62 -3.71
CA LEU A 146 20.39 -17.46 -3.29
C LEU A 146 21.57 -17.87 -2.40
N ALA A 147 21.40 -18.89 -1.55
CA ALA A 147 22.51 -19.38 -0.75
C ALA A 147 23.61 -19.97 -1.63
N GLU A 148 23.25 -20.75 -2.64
CA GLU A 148 24.24 -21.26 -3.57
C GLU A 148 24.98 -20.13 -4.28
N TRP A 149 24.22 -19.15 -4.79
CA TRP A 149 24.84 -18.02 -5.48
C TRP A 149 25.79 -17.28 -4.55
N ALA A 150 25.40 -17.07 -3.29
CA ALA A 150 26.27 -16.41 -2.32
C ALA A 150 27.52 -17.23 -2.03
N ILE A 151 27.39 -18.57 -2.03
CA ILE A 151 28.56 -19.41 -1.82
C ILE A 151 29.53 -19.29 -2.99
N GLU A 152 29.00 -19.24 -4.22
CA GLU A 152 29.86 -19.12 -5.39
C GLU A 152 30.35 -17.69 -5.63
N ASN A 153 29.83 -16.71 -4.91
CA ASN A 153 30.28 -15.32 -5.02
C ASN A 153 30.55 -14.75 -3.63
N PRO A 154 31.51 -15.32 -2.91
CA PRO A 154 31.71 -14.90 -1.50
C PRO A 154 32.25 -13.49 -1.37
N ALA A 155 32.87 -12.94 -2.41
CA ALA A 155 33.43 -11.59 -2.31
C ALA A 155 32.38 -10.54 -2.05
N VAL A 156 31.11 -10.83 -2.38
CA VAL A 156 30.06 -9.84 -2.20
C VAL A 156 29.80 -9.59 -0.72
N PHE A 157 29.99 -10.60 0.13
CA PHE A 157 29.56 -10.55 1.51
C PHE A 157 30.70 -10.56 2.52
N THR A 158 31.92 -10.88 2.10
CA THR A 158 33.03 -11.04 3.05
C THR A 158 33.33 -9.72 3.75
N ASN A 159 33.24 -9.74 5.09
CA ASN A 159 33.48 -8.57 5.94
C ASN A 159 32.57 -7.41 5.53
N ARG A 160 31.37 -7.72 5.07
CA ARG A 160 30.37 -6.74 4.71
C ARG A 160 29.20 -6.81 5.69
N THR A 161 28.36 -5.78 5.65
CA THR A 161 27.12 -5.75 6.43
C THR A 161 25.97 -6.14 5.52
N VAL A 162 25.30 -7.24 5.85
CA VAL A 162 24.26 -7.84 5.01
C VAL A 162 22.93 -7.71 5.73
N LEU A 163 21.91 -7.26 4.99
CA LEU A 163 20.54 -7.17 5.48
C LEU A 163 19.65 -8.03 4.60
N GLU A 164 18.99 -9.01 5.19
CA GLU A 164 18.05 -9.87 4.49
C GLU A 164 16.63 -9.40 4.78
N LEU A 165 15.84 -9.20 3.72
CA LEU A 165 14.43 -8.84 3.85
C LEU A 165 13.60 -10.11 3.74
N GLY A 166 12.78 -10.37 4.75
CA GLY A 166 11.98 -11.58 4.78
C GLY A 166 12.83 -12.83 4.88
N SER A 167 13.57 -12.97 5.99
CA SER A 167 14.48 -14.10 6.13
C SER A 167 13.73 -15.43 6.22
N GLY A 168 12.53 -15.43 6.78
CA GLY A 168 11.81 -16.68 6.92
C GLY A 168 12.49 -17.59 7.92
N ALA A 169 12.75 -18.83 7.51
CA ALA A 169 13.44 -19.77 8.37
C ALA A 169 14.91 -19.38 8.59
N GLY A 170 15.47 -18.56 7.70
CA GLY A 170 16.84 -18.12 7.85
C GLY A 170 17.88 -19.01 7.22
N LEU A 171 17.50 -19.85 6.27
CA LEU A 171 18.47 -20.72 5.61
C LEU A 171 19.57 -19.91 4.93
N THR A 172 19.17 -18.96 4.08
CA THR A 172 20.13 -18.20 3.30
C THR A 172 21.12 -17.48 4.20
N GLY A 173 20.61 -16.82 5.25
CA GLY A 173 21.49 -16.07 6.13
C GLY A 173 22.44 -16.94 6.91
N LEU A 174 21.97 -18.10 7.37
CA LEU A 174 22.85 -19.01 8.10
C LEU A 174 23.93 -19.57 7.18
N ALA A 175 23.57 -19.93 5.95
CA ALA A 175 24.55 -20.39 4.99
C ALA A 175 25.59 -19.32 4.70
N ILE A 176 25.15 -18.06 4.57
CA ILE A 176 26.09 -16.98 4.31
C ILE A 176 27.00 -16.74 5.51
N CYS A 177 26.44 -16.82 6.72
CA CYS A 177 27.25 -16.62 7.92
C CYS A 177 28.28 -17.74 8.08
N LYS A 178 27.96 -18.95 7.64
CA LYS A 178 28.90 -20.05 7.77
C LYS A 178 29.83 -20.21 6.58
N MET A 179 29.57 -19.53 5.45
CA MET A 179 30.39 -19.73 4.26
C MET A 179 31.11 -18.47 3.78
N CYS A 180 30.53 -17.29 3.92
CA CYS A 180 31.09 -16.08 3.30
C CYS A 180 31.71 -15.11 4.29
N ARG A 181 31.65 -15.41 5.59
CA ARG A 181 32.26 -14.58 6.63
C ARG A 181 31.88 -13.11 6.53
N PRO A 182 30.62 -12.74 6.76
CA PRO A 182 30.27 -11.32 6.79
C PRO A 182 30.64 -10.68 8.10
N ARG A 183 30.81 -9.36 8.06
CA ARG A 183 31.08 -8.61 9.28
C ARG A 183 29.88 -8.66 10.22
N ALA A 184 28.69 -8.46 9.68
CA ALA A 184 27.46 -8.54 10.45
C ALA A 184 26.33 -8.96 9.52
N TYR A 185 25.35 -9.65 10.09
CA TYR A 185 24.19 -10.09 9.34
C TYR A 185 22.93 -9.73 10.12
N ILE A 186 21.99 -9.08 9.44
CA ILE A 186 20.73 -8.65 10.05
C ILE A 186 19.62 -9.46 9.38
N PHE A 187 19.11 -10.46 10.09
CA PHE A 187 17.87 -11.11 9.70
C PHE A 187 16.70 -10.18 9.98
N SER A 188 15.81 -10.03 9.01
CA SER A 188 14.67 -9.14 9.17
C SER A 188 13.41 -9.81 8.67
N ASP A 189 12.35 -9.71 9.47
CA ASP A 189 11.02 -10.17 9.07
C ASP A 189 10.01 -9.43 9.94
N CYS A 190 8.73 -9.55 9.57
CA CYS A 190 7.67 -8.85 10.28
C CYS A 190 6.77 -9.77 11.10
N HIS A 191 6.72 -11.06 10.80
CA HIS A 191 5.84 -11.98 11.49
C HIS A 191 6.54 -12.50 12.75
N SER A 192 5.81 -12.48 13.87
CA SER A 192 6.43 -12.75 15.16
C SER A 192 6.85 -14.21 15.30
N ARG A 193 5.99 -15.14 14.88
CA ARG A 193 6.36 -16.56 14.96
C ARG A 193 7.54 -16.88 14.06
N VAL A 194 7.60 -16.25 12.88
CA VAL A 194 8.75 -16.42 12.00
C VAL A 194 10.01 -15.95 12.68
N LEU A 195 9.95 -14.78 13.35
CA LEU A 195 11.13 -14.26 14.04
C LEU A 195 11.54 -15.16 15.21
N GLU A 196 10.57 -15.72 15.91
CA GLU A 196 10.87 -16.61 17.03
C GLU A 196 11.59 -17.87 16.53
N GLN A 197 11.02 -18.53 15.52
CA GLN A 197 11.66 -19.71 14.95
C GLN A 197 13.02 -19.34 14.34
N LEU A 198 13.15 -18.12 13.83
CA LEU A 198 14.41 -17.67 13.25
C LEU A 198 15.49 -17.54 14.32
N ARG A 199 15.15 -16.94 15.46
CA ARG A 199 16.10 -16.85 16.57
C ARG A 199 16.47 -18.24 17.07
N GLY A 200 15.48 -19.13 17.19
CA GLY A 200 15.76 -20.48 17.61
C GLY A 200 16.69 -21.21 16.66
N ASN A 201 16.54 -20.95 15.35
CA ASN A 201 17.39 -21.58 14.36
C ASN A 201 18.79 -20.99 14.38
N VAL A 202 18.90 -19.68 14.61
CA VAL A 202 20.21 -19.05 14.71
C VAL A 202 20.98 -19.62 15.89
N LEU A 203 20.31 -19.77 17.05
CA LEU A 203 20.97 -20.37 18.19
C LEU A 203 21.24 -21.87 17.97
N LEU A 204 20.37 -22.54 17.21
CA LEU A 204 20.58 -23.96 16.94
C LEU A 204 21.85 -24.20 16.11
N ASN A 205 22.23 -23.24 15.27
CA ASN A 205 23.41 -23.36 14.43
C ASN A 205 24.64 -22.73 15.06
N GLY A 206 24.61 -22.47 16.37
CA GLY A 206 25.80 -22.05 17.07
C GLY A 206 26.21 -20.61 16.89
N LEU A 207 25.32 -19.75 16.41
CA LEU A 207 25.61 -18.33 16.23
C LEU A 207 24.99 -17.52 17.37
N SER A 208 25.81 -16.68 17.99
CA SER A 208 25.37 -15.85 19.10
C SER A 208 24.94 -14.48 18.59
N LEU A 209 23.89 -13.95 19.22
CA LEU A 209 23.33 -12.68 18.76
C LEU A 209 24.23 -11.51 19.18
N GLU A 210 24.07 -10.39 18.46
CA GLU A 210 24.88 -9.21 18.77
C GLU A 210 24.55 -8.65 20.14
N ALA A 211 23.29 -8.77 20.58
CA ALA A 211 22.93 -8.31 21.92
C ALA A 211 23.77 -9.01 22.98
N ASP A 212 23.98 -10.32 22.80
CA ASP A 212 24.92 -11.05 23.63
C ASP A 212 26.35 -10.62 23.30
N ILE A 213 27.25 -10.77 24.26
CA ILE A 213 28.64 -10.40 24.01
C ILE A 213 29.20 -11.31 22.93
N THR A 214 29.59 -10.71 21.80
CA THR A 214 30.17 -11.47 20.72
C THR A 214 31.59 -11.89 21.09
N ALA A 215 31.96 -13.11 20.74
CA ALA A 215 33.26 -13.64 21.12
C ALA A 215 34.22 -14.01 19.98
N LYS A 216 35.39 -13.39 20.07
CA LYS A 216 36.57 -13.58 19.20
C LYS A 216 36.52 -12.93 17.82
N LEU A 217 35.41 -12.24 17.54
CA LEU A 217 35.20 -11.53 16.28
C LEU A 217 35.37 -12.37 15.02
N ASP A 218 34.96 -13.63 15.08
CA ASP A 218 35.02 -14.50 13.93
C ASP A 218 33.55 -14.69 13.74
N SER A 219 32.88 -14.82 14.86
CA SER A 219 31.42 -14.89 14.77
C SER A 219 30.87 -13.61 14.18
N PRO A 220 30.12 -13.65 13.07
CA PRO A 220 29.50 -12.43 12.56
C PRO A 220 28.51 -11.88 13.58
N ARG A 221 28.41 -10.56 13.66
CA ARG A 221 27.42 -9.94 14.54
C ARG A 221 26.04 -10.22 13.97
N VAL A 222 25.39 -11.26 14.49
CA VAL A 222 24.10 -11.70 14.00
C VAL A 222 23.00 -11.01 14.79
N THR A 223 22.08 -10.36 14.09
CA THR A 223 20.90 -9.75 14.69
C THR A 223 19.66 -10.23 13.97
N VAL A 224 18.59 -10.45 14.73
CA VAL A 224 17.28 -10.75 14.18
C VAL A 224 16.38 -9.58 14.54
N ALA A 225 16.18 -8.67 13.59
CA ALA A 225 15.42 -7.46 13.82
C ALA A 225 14.05 -7.55 13.15
N GLN A 226 13.06 -6.95 13.78
CA GLN A 226 11.75 -6.82 13.16
C GLN A 226 11.77 -5.66 12.17
N LEU A 227 11.31 -5.93 10.95
CA LEU A 227 11.34 -4.92 9.90
C LEU A 227 10.11 -5.13 9.00
N ASP A 228 9.01 -4.50 9.37
CA ASP A 228 7.79 -4.58 8.56
C ASP A 228 7.95 -3.63 7.38
N TRP A 229 7.79 -4.17 6.17
CA TRP A 229 8.02 -3.39 4.96
C TRP A 229 7.02 -2.25 4.81
N ASP A 230 5.84 -2.39 5.38
CA ASP A 230 4.76 -1.43 5.14
C ASP A 230 4.97 -0.12 5.88
N VAL A 231 5.58 -0.16 7.07
CA VAL A 231 5.71 1.00 7.93
C VAL A 231 7.16 1.30 8.29
N ALA A 232 8.11 0.61 7.67
CA ALA A 232 9.52 0.87 7.95
C ALA A 232 9.90 2.29 7.59
N THR A 233 10.44 3.03 8.55
CA THR A 233 10.79 4.42 8.33
C THR A 233 12.21 4.55 7.80
N VAL A 234 12.52 5.74 7.28
CA VAL A 234 13.86 6.02 6.78
C VAL A 234 14.88 6.00 7.91
N HIS A 235 14.47 6.42 9.10
CA HIS A 235 15.36 6.37 10.27
C HIS A 235 15.62 4.93 10.70
N GLN A 236 14.56 4.13 10.82
CA GLN A 236 14.71 2.74 11.23
C GLN A 236 15.58 1.97 10.25
N LEU A 237 15.40 2.21 8.95
CA LEU A 237 16.24 1.55 7.95
C LEU A 237 17.65 2.12 7.95
N SER A 238 17.81 3.41 8.26
CA SER A 238 19.14 4.01 8.38
C SER A 238 19.95 3.32 9.46
N ALA A 239 19.28 2.96 10.56
CA ALA A 239 19.98 2.40 11.71
C ALA A 239 20.77 1.15 11.36
N PHE A 240 20.36 0.41 10.33
CA PHE A 240 21.03 -0.84 10.01
C PHE A 240 22.36 -0.65 9.29
N GLN A 241 22.48 0.40 8.48
CA GLN A 241 23.68 0.67 7.69
C GLN A 241 24.15 -0.55 6.89
N PRO A 242 23.34 -1.07 5.98
CA PRO A 242 23.75 -2.25 5.23
C PRO A 242 24.63 -1.89 4.04
N ASP A 243 25.59 -2.77 3.77
CA ASP A 243 26.36 -2.69 2.53
C ASP A 243 25.75 -3.54 1.43
N VAL A 244 25.08 -4.64 1.78
CA VAL A 244 24.38 -5.48 0.83
C VAL A 244 22.99 -5.76 1.39
N VAL A 245 22.00 -5.78 0.51
CA VAL A 245 20.63 -6.14 0.86
C VAL A 245 20.18 -7.26 -0.07
N ILE A 246 19.66 -8.34 0.52
CA ILE A 246 19.22 -9.50 -0.25
C ILE A 246 17.80 -9.87 0.16
N ALA A 247 17.08 -10.50 -0.78
CA ALA A 247 15.75 -11.02 -0.52
C ALA A 247 15.52 -12.24 -1.40
N ALA A 248 14.73 -13.19 -0.90
CA ALA A 248 14.51 -14.44 -1.59
C ALA A 248 13.05 -14.86 -1.46
N ASP A 249 12.42 -15.16 -2.60
CA ASP A 249 11.01 -15.59 -2.64
C ASP A 249 10.10 -14.64 -1.87
N VAL A 250 10.31 -13.34 -2.07
CA VAL A 250 9.52 -12.32 -1.39
C VAL A 250 8.43 -11.73 -2.27
N LEU A 251 8.27 -12.25 -3.48
CA LEU A 251 7.27 -11.73 -4.43
C LEU A 251 6.03 -12.62 -4.43
N TYR A 252 5.36 -12.69 -3.27
CA TYR A 252 4.24 -13.61 -3.13
C TYR A 252 2.96 -13.05 -3.72
N CYS A 253 2.66 -11.78 -3.47
CA CYS A 253 1.47 -11.16 -4.03
C CYS A 253 1.85 -9.88 -4.76
N PRO A 254 1.14 -9.54 -5.83
CA PRO A 254 1.50 -8.33 -6.60
C PRO A 254 1.43 -7.05 -5.80
N GLU A 255 0.59 -6.99 -4.77
CA GLU A 255 0.48 -5.77 -3.98
C GLU A 255 1.71 -5.57 -3.10
N ALA A 256 2.35 -6.65 -2.65
CA ALA A 256 3.55 -6.52 -1.83
C ALA A 256 4.75 -6.01 -2.63
N TYR A 257 4.67 -6.04 -3.96
CA TYR A 257 5.72 -5.46 -4.78
C TYR A 257 5.93 -4.00 -4.40
N TYR A 258 4.84 -3.25 -4.24
CA TYR A 258 4.96 -1.83 -3.93
C TYR A 258 5.56 -1.61 -2.56
N SER A 259 5.19 -2.43 -1.57
CA SER A 259 5.79 -2.30 -0.25
C SER A 259 7.28 -2.56 -0.30
N LEU A 260 7.69 -3.61 -1.01
CA LEU A 260 9.12 -3.94 -1.10
C LEU A 260 9.89 -2.85 -1.85
N VAL A 261 9.32 -2.34 -2.94
CA VAL A 261 9.98 -1.29 -3.70
C VAL A 261 10.09 -0.02 -2.87
N GLY A 262 9.06 0.29 -2.08
CA GLY A 262 9.14 1.42 -1.19
C GLY A 262 10.22 1.25 -0.13
N VAL A 263 10.38 0.04 0.38
CA VAL A 263 11.44 -0.21 1.36
C VAL A 263 12.81 0.01 0.72
N LEU A 264 13.00 -0.48 -0.49
CA LEU A 264 14.29 -0.29 -1.16
C LEU A 264 14.54 1.20 -1.44
N ARG A 265 13.48 1.91 -1.86
CA ARG A 265 13.54 3.35 -2.06
C ARG A 265 14.02 4.05 -0.80
N ARG A 266 13.38 3.75 0.34
CA ARG A 266 13.77 4.36 1.61
C ARG A 266 15.19 3.98 1.99
N LEU A 267 15.58 2.74 1.73
CA LEU A 267 16.93 2.27 2.06
C LEU A 267 17.98 3.11 1.34
N ALA A 268 17.78 3.33 0.03
CA ALA A 268 18.66 4.23 -0.68
C ALA A 268 18.60 5.64 -0.10
N ALA A 269 17.40 6.15 0.18
CA ALA A 269 17.26 7.51 0.71
C ALA A 269 17.80 7.65 2.13
N CYS A 270 17.96 6.53 2.85
CA CYS A 270 18.30 6.60 4.27
C CYS A 270 19.62 7.31 4.50
N ARG A 271 20.66 6.89 3.80
CA ARG A 271 21.99 7.50 3.83
C ARG A 271 22.24 8.20 2.50
N GLU A 272 21.71 9.43 2.38
CA GLU A 272 21.99 10.25 1.21
C GLU A 272 23.49 10.42 1.02
N HIS A 273 24.23 10.69 2.09
CA HIS A 273 25.68 10.69 2.03
C HIS A 273 26.20 9.28 1.81
N GLN A 274 27.25 9.16 0.99
CA GLN A 274 27.87 7.89 0.57
C GLN A 274 26.91 7.07 -0.28
N ARG A 275 27.40 5.99 -0.87
CA ARG A 275 26.67 5.28 -1.90
C ARG A 275 25.59 4.40 -1.30
N ALA A 276 24.73 3.86 -2.19
CA ALA A 276 23.64 2.94 -1.90
C ALA A 276 24.14 1.49 -1.92
N PRO A 277 23.49 0.59 -1.19
CA PRO A 277 23.98 -0.79 -1.13
C PRO A 277 23.55 -1.61 -2.34
N GLU A 278 24.32 -2.67 -2.57
CA GLU A 278 24.00 -3.63 -3.63
C GLU A 278 22.81 -4.47 -3.23
N VAL A 279 21.80 -4.54 -4.10
CA VAL A 279 20.55 -5.23 -3.81
C VAL A 279 20.41 -6.42 -4.74
N TYR A 280 20.11 -7.59 -4.18
CA TYR A 280 19.91 -8.81 -4.93
C TYR A 280 18.60 -9.45 -4.50
N VAL A 281 17.71 -9.69 -5.46
CA VAL A 281 16.39 -10.27 -5.20
C VAL A 281 16.24 -11.52 -6.04
N ALA A 282 16.20 -12.68 -5.38
CA ALA A 282 16.00 -13.96 -6.04
C ALA A 282 14.57 -14.45 -5.80
N PHE A 283 14.02 -15.12 -6.80
CA PHE A 283 12.65 -15.59 -6.69
C PHE A 283 12.41 -16.77 -7.64
N THR A 284 11.48 -17.62 -7.24
CA THR A 284 11.03 -18.72 -8.08
C THR A 284 9.96 -18.22 -9.04
N VAL A 285 10.18 -18.43 -10.34
CA VAL A 285 9.23 -17.97 -11.35
C VAL A 285 8.04 -18.91 -11.40
N ARG A 286 7.08 -18.71 -10.50
CA ARG A 286 5.84 -19.47 -10.52
C ARG A 286 4.80 -18.86 -11.43
N ASN A 287 5.00 -17.60 -11.83
CA ASN A 287 4.13 -16.88 -12.75
C ASN A 287 4.96 -15.81 -13.44
N PRO A 288 5.09 -15.85 -14.77
CA PRO A 288 5.88 -14.82 -15.46
C PRO A 288 5.35 -13.41 -15.25
N GLU A 289 4.04 -13.28 -15.01
CA GLU A 289 3.46 -11.98 -14.68
C GLU A 289 4.13 -11.37 -13.47
N THR A 290 4.52 -12.21 -12.50
CA THR A 290 5.29 -11.75 -11.35
C THR A 290 6.51 -10.96 -11.76
N CYS A 291 7.39 -11.58 -12.55
CA CYS A 291 8.64 -10.93 -12.94
C CYS A 291 8.37 -9.69 -13.79
N GLN A 292 7.43 -9.77 -14.74
CA GLN A 292 7.18 -8.62 -15.60
C GLN A 292 6.66 -7.44 -14.78
N LEU A 293 5.71 -7.68 -13.88
CA LEU A 293 5.14 -6.60 -13.07
C LEU A 293 6.18 -6.01 -12.12
N PHE A 294 7.01 -6.86 -11.52
CA PHE A 294 8.04 -6.34 -10.62
C PHE A 294 9.04 -5.48 -11.39
N THR A 295 9.42 -5.90 -12.59
CA THR A 295 10.34 -5.11 -13.39
C THR A 295 9.71 -3.77 -13.79
N THR A 296 8.43 -3.77 -14.14
CA THR A 296 7.77 -2.52 -14.49
C THR A 296 7.71 -1.58 -13.29
N TYR A 297 7.39 -2.11 -12.11
CA TYR A 297 7.38 -1.27 -10.91
C TYR A 297 8.77 -0.71 -10.60
N LEU A 298 9.80 -1.54 -10.73
CA LEU A 298 11.17 -1.06 -10.49
C LEU A 298 11.54 0.05 -11.48
N GLY A 299 11.18 -0.11 -12.75
CA GLY A 299 11.45 0.93 -13.72
C GLY A 299 10.71 2.21 -13.43
N ARG A 300 9.45 2.09 -12.98
CA ARG A 300 8.68 3.29 -12.64
C ARG A 300 9.25 4.00 -11.42
N ALA A 301 9.83 3.24 -10.48
CA ALA A 301 10.36 3.83 -9.26
C ALA A 301 11.76 4.42 -9.43
N GLY A 302 12.41 4.19 -10.57
CA GLY A 302 13.75 4.72 -10.79
C GLY A 302 14.87 3.78 -10.40
N ILE A 303 14.56 2.54 -10.04
CA ILE A 303 15.59 1.55 -9.72
C ILE A 303 15.92 0.78 -10.99
N ARG A 304 17.20 0.73 -11.33
CA ARG A 304 17.61 -0.02 -12.51
C ARG A 304 17.84 -1.48 -12.13
N TRP A 305 17.69 -2.38 -13.10
CA TRP A 305 17.74 -3.80 -12.79
C TRP A 305 18.38 -4.56 -13.94
N GLU A 306 19.15 -5.60 -13.60
CA GLU A 306 19.68 -6.53 -14.57
C GLU A 306 19.47 -7.95 -14.08
N VAL A 307 19.41 -8.89 -15.01
CA VAL A 307 19.20 -10.29 -14.69
C VAL A 307 20.55 -10.94 -14.49
N GLU A 308 20.77 -11.49 -13.29
CA GLU A 308 22.01 -12.20 -13.02
C GLU A 308 22.01 -13.54 -13.77
N PRO A 309 23.15 -13.97 -14.30
CA PRO A 309 23.18 -15.23 -15.05
C PRO A 309 22.80 -16.42 -14.19
N ARG A 310 22.11 -17.37 -14.81
CA ARG A 310 21.75 -18.62 -14.14
C ARG A 310 23.01 -19.34 -13.67
N HIS A 311 23.06 -19.72 -12.41
CA HIS A 311 24.20 -20.46 -11.89
C HIS A 311 23.86 -21.94 -11.79
N GLU A 312 24.85 -22.77 -12.08
CA GLU A 312 24.67 -24.22 -12.05
C GLU A 312 24.28 -24.68 -10.65
N GLN A 313 23.15 -25.36 -10.57
CA GLN A 313 22.60 -25.82 -9.28
C GLN A 313 23.35 -27.08 -8.85
N LYS A 314 24.23 -26.94 -7.86
CA LYS A 314 25.14 -28.00 -7.45
C LYS A 314 24.78 -28.54 -6.08
N LEU A 315 25.02 -27.78 -5.01
CA LEU A 315 24.83 -28.28 -3.65
C LEU A 315 23.38 -28.63 -3.38
N PHE A 316 22.48 -27.68 -3.58
CA PHE A 316 21.27 -27.96 -2.84
C PHE A 316 20.21 -28.62 -3.70
N PRO A 317 19.48 -29.58 -3.14
CA PRO A 317 18.38 -30.21 -3.87
C PRO A 317 17.09 -29.41 -3.79
N TYR A 318 16.64 -28.88 -4.91
CA TYR A 318 15.47 -28.01 -4.91
C TYR A 318 14.18 -28.81 -4.91
N GLU A 319 13.15 -28.22 -4.30
CA GLU A 319 11.91 -28.94 -4.04
C GLU A 319 11.12 -29.17 -5.32
N GLU A 320 10.99 -28.14 -6.16
CA GLU A 320 10.09 -28.19 -7.31
C GLU A 320 10.77 -28.05 -8.65
N HIS A 321 12.04 -27.63 -8.70
CA HIS A 321 12.77 -27.44 -9.95
C HIS A 321 12.01 -26.53 -10.91
N LEU A 322 11.41 -25.48 -10.37
CA LEU A 322 10.85 -24.46 -11.23
C LEU A 322 11.93 -23.47 -11.64
N GLU A 323 11.64 -22.69 -12.68
CA GLU A 323 12.63 -21.73 -13.16
C GLU A 323 12.92 -20.70 -12.08
N MET A 324 14.21 -20.55 -11.77
CA MET A 324 14.65 -19.59 -10.78
C MET A 324 15.19 -18.35 -11.49
N ALA A 325 15.06 -17.20 -10.83
CA ALA A 325 15.58 -15.97 -11.39
C ALA A 325 16.14 -15.12 -10.26
N MET A 326 17.05 -14.22 -10.61
CA MET A 326 17.61 -13.31 -9.62
C MET A 326 17.95 -12.00 -10.32
N LEU A 327 17.56 -10.89 -9.69
CA LEU A 327 17.78 -9.56 -10.24
C LEU A 327 18.76 -8.80 -9.36
N ASN A 328 19.78 -8.23 -10.01
CA ASN A 328 20.68 -7.27 -9.39
C ASN A 328 20.12 -5.87 -9.63
N LEU A 329 19.80 -5.17 -8.55
CA LEU A 329 19.18 -3.85 -8.64
C LEU A 329 20.17 -2.77 -8.26
N THR A 330 20.26 -1.75 -9.09
CA THR A 330 21.00 -0.53 -8.79
C THR A 330 20.02 0.51 -8.31
N LEU A 331 20.18 0.95 -7.06
CA LEU A 331 19.31 1.94 -6.44
C LEU A 331 19.68 3.34 -6.91
N ASN B 7 -53.28 -11.57 17.43
CA ASN B 7 -52.64 -10.63 18.33
C ASN B 7 -51.13 -10.72 18.24
N ALA B 8 -50.63 -11.95 18.14
CA ALA B 8 -49.18 -12.15 18.02
C ALA B 8 -48.65 -11.57 16.71
N GLY B 9 -49.38 -11.75 15.61
CA GLY B 9 -48.98 -11.15 14.36
C GLY B 9 -49.02 -9.63 14.41
N THR B 10 -50.03 -9.07 15.08
CA THR B 10 -50.11 -7.63 15.23
C THR B 10 -48.94 -7.09 16.04
N GLU B 11 -48.55 -7.80 17.10
CA GLU B 11 -47.42 -7.36 17.91
C GLU B 11 -46.11 -7.49 17.15
N LEU B 12 -45.94 -8.56 16.37
CA LEU B 12 -44.77 -8.68 15.51
C LEU B 12 -44.70 -7.53 14.51
N LEU B 13 -45.85 -7.16 13.94
CA LEU B 13 -45.88 -6.06 12.98
C LEU B 13 -45.54 -4.73 13.64
N LEU B 14 -46.05 -4.51 14.86
CA LEU B 14 -45.75 -3.28 15.58
C LEU B 14 -44.26 -3.20 15.91
N GLN B 15 -43.66 -4.31 16.37
CA GLN B 15 -42.23 -4.33 16.63
C GLN B 15 -41.44 -4.06 15.35
N SER B 16 -41.87 -4.66 14.24
CA SER B 16 -41.18 -4.44 12.96
C SER B 16 -41.22 -2.97 12.58
N PHE B 17 -42.40 -2.35 12.66
CA PHE B 17 -42.53 -0.93 12.30
C PHE B 17 -41.66 -0.05 13.20
N GLU B 18 -41.73 -0.28 14.52
CA GLU B 18 -40.91 0.50 15.45
C GLU B 18 -39.42 0.38 15.10
N ARG B 19 -38.93 -0.86 15.01
CA ARG B 19 -37.50 -1.08 14.80
C ARG B 19 -37.04 -0.55 13.46
N ARG B 20 -37.90 -0.62 12.43
CA ARG B 20 -37.48 -0.20 11.10
C ARG B 20 -37.59 1.30 10.93
N PHE B 21 -38.51 1.95 11.64
CA PHE B 21 -38.60 3.41 11.57
C PHE B 21 -37.49 4.07 12.36
N LEU B 22 -37.25 3.61 13.60
CA LEU B 22 -36.23 4.27 14.42
C LEU B 22 -34.84 4.14 13.82
N ALA B 23 -34.59 3.13 12.99
CA ALA B 23 -33.32 2.98 12.31
C ALA B 23 -33.29 3.66 10.94
N ALA B 24 -34.40 4.30 10.55
CA ALA B 24 -34.48 5.06 9.30
C ALA B 24 -34.15 4.20 8.09
N ARG B 25 -34.72 3.00 8.05
CA ARG B 25 -34.47 2.11 6.93
C ARG B 25 -35.37 2.47 5.75
N THR B 26 -35.05 1.93 4.58
CA THR B 26 -35.81 2.24 3.37
C THR B 26 -37.26 1.80 3.51
N LEU B 27 -38.17 2.58 2.90
CA LEU B 27 -39.59 2.31 3.04
C LEU B 27 -40.01 1.01 2.37
N ARG B 28 -39.34 0.63 1.28
CA ARG B 28 -39.64 -0.62 0.60
C ARG B 28 -39.53 -1.83 1.52
N SER B 29 -38.76 -1.71 2.61
CA SER B 29 -38.49 -2.81 3.52
C SER B 29 -39.52 -2.95 4.63
N PHE B 30 -40.46 -2.01 4.75
CA PHE B 30 -41.52 -2.15 5.73
C PHE B 30 -42.52 -3.23 5.27
N PRO B 31 -43.12 -3.96 6.21
CA PRO B 31 -44.17 -4.94 5.87
C PRO B 31 -45.51 -4.28 5.63
N TRP B 32 -45.62 -3.56 4.51
CA TRP B 32 -46.86 -2.85 4.19
C TRP B 32 -48.01 -3.79 3.90
N GLN B 33 -47.73 -4.99 3.38
CA GLN B 33 -48.80 -5.89 2.98
C GLN B 33 -49.53 -6.47 4.19
N SER B 34 -48.78 -6.81 5.25
CA SER B 34 -49.42 -7.31 6.47
C SER B 34 -50.27 -6.23 7.12
N LEU B 35 -49.79 -4.98 7.08
CA LEU B 35 -50.61 -3.87 7.58
C LEU B 35 -51.86 -3.68 6.73
N GLU B 36 -51.73 -3.83 5.41
CA GLU B 36 -52.89 -3.77 4.54
C GLU B 36 -53.92 -4.80 4.94
N ALA B 37 -53.48 -6.04 5.16
CA ALA B 37 -54.40 -7.11 5.57
C ALA B 37 -55.04 -6.81 6.93
N LYS B 38 -54.23 -6.37 7.89
CA LYS B 38 -54.73 -6.10 9.23
C LYS B 38 -55.75 -4.96 9.23
N LEU B 39 -55.56 -3.96 8.36
CA LEU B 39 -56.52 -2.87 8.25
C LEU B 39 -57.73 -3.23 7.40
N ARG B 40 -57.61 -4.22 6.51
CA ARG B 40 -58.78 -4.69 5.79
C ARG B 40 -59.70 -5.50 6.70
N ASP B 41 -59.12 -6.33 7.56
CA ASP B 41 -59.94 -7.18 8.43
C ASP B 41 -60.53 -6.42 9.62
N SER B 42 -59.95 -5.28 10.00
CA SER B 42 -60.44 -4.50 11.13
C SER B 42 -60.59 -3.04 10.71
N SER B 43 -61.78 -2.48 10.91
CA SER B 43 -62.06 -1.09 10.57
C SER B 43 -61.61 -0.12 11.64
N ASP B 44 -61.11 -0.60 12.77
CA ASP B 44 -60.67 0.28 13.85
C ASP B 44 -59.48 1.11 13.40
N SER B 45 -59.50 2.40 13.74
CA SER B 45 -58.39 3.30 13.46
C SER B 45 -57.31 3.28 14.54
N GLU B 46 -57.50 2.49 15.60
CA GLU B 46 -56.55 2.49 16.71
C GLU B 46 -55.22 1.86 16.32
N LEU B 47 -55.22 0.91 15.40
CA LEU B 47 -53.96 0.25 15.03
C LEU B 47 -52.99 1.25 14.42
N LEU B 48 -53.48 2.08 13.50
CA LEU B 48 -52.63 3.09 12.91
C LEU B 48 -52.19 4.12 13.94
N ARG B 49 -53.01 4.38 14.96
CA ARG B 49 -52.58 5.25 16.05
C ARG B 49 -51.46 4.60 16.87
N ASP B 50 -51.51 3.28 17.04
CA ASP B 50 -50.43 2.58 17.72
C ASP B 50 -49.14 2.62 16.91
N ILE B 51 -49.25 2.42 15.60
CA ILE B 51 -48.10 2.59 14.72
C ILE B 51 -47.55 4.01 14.83
N LEU B 52 -48.45 4.99 14.89
CA LEU B 52 -48.05 6.40 15.03
C LEU B 52 -47.27 6.62 16.31
N HIS B 53 -47.75 6.05 17.42
CA HIS B 53 -47.10 6.24 18.72
C HIS B 53 -45.80 5.44 18.82
N LYS B 54 -45.65 4.36 18.06
CA LYS B 54 -44.43 3.58 18.05
C LYS B 54 -43.41 4.05 17.03
N THR B 55 -43.75 5.03 16.19
CA THR B 55 -42.82 5.54 15.19
C THR B 55 -42.51 7.02 15.42
N VAL B 56 -43.31 7.90 14.82
CA VAL B 56 -43.01 9.33 14.88
C VAL B 56 -43.21 9.88 16.28
N LYS B 57 -44.07 9.27 17.09
CA LYS B 57 -44.34 9.73 18.44
C LYS B 57 -43.62 8.91 19.50
N HIS B 58 -42.67 8.07 19.10
CA HIS B 58 -41.91 7.30 20.07
C HIS B 58 -40.99 8.22 20.86
N PRO B 59 -40.87 8.01 22.18
CA PRO B 59 -40.09 8.95 23.00
C PRO B 59 -38.66 9.15 22.54
N VAL B 60 -37.96 8.06 22.20
CA VAL B 60 -36.61 8.20 21.67
C VAL B 60 -36.62 8.98 20.37
N CYS B 61 -37.62 8.74 19.53
CA CYS B 61 -37.76 9.52 18.31
C CYS B 61 -38.12 10.98 18.60
N VAL B 62 -38.89 11.23 19.65
CA VAL B 62 -39.22 12.61 20.02
C VAL B 62 -37.97 13.35 20.47
N LYS B 63 -37.11 12.67 21.25
CA LYS B 63 -35.89 13.33 21.71
C LYS B 63 -34.88 13.50 20.59
N HIS B 64 -34.77 12.51 19.71
CA HIS B 64 -33.79 12.52 18.61
C HIS B 64 -34.53 12.18 17.32
N PRO B 65 -35.14 13.17 16.67
CA PRO B 65 -35.95 12.88 15.50
C PRO B 65 -35.08 12.55 14.31
N PRO B 66 -35.58 11.74 13.38
CA PRO B 66 -34.85 11.50 12.13
C PRO B 66 -34.95 12.70 11.20
N SER B 67 -34.43 12.57 9.98
CA SER B 67 -34.56 13.64 9.00
C SER B 67 -36.03 13.92 8.72
N VAL B 68 -36.36 15.20 8.54
CA VAL B 68 -37.75 15.58 8.30
C VAL B 68 -38.27 14.91 7.04
N LYS B 69 -37.43 14.78 6.02
CA LYS B 69 -37.85 14.13 4.78
C LYS B 69 -38.28 12.69 5.03
N TYR B 70 -37.54 11.96 5.86
CA TYR B 70 -37.84 10.55 6.08
C TYR B 70 -39.16 10.38 6.83
N ALA B 71 -39.36 11.13 7.91
CA ALA B 71 -40.61 11.04 8.66
C ALA B 71 -41.78 11.51 7.81
N ARG B 72 -41.57 12.52 6.98
CA ARG B 72 -42.63 13.01 6.09
C ARG B 72 -43.01 11.95 5.07
N CYS B 73 -42.02 11.27 4.47
CA CYS B 73 -42.32 10.22 3.51
C CYS B 73 -43.00 9.02 4.19
N PHE B 74 -42.56 8.69 5.40
CA PHE B 74 -43.17 7.59 6.13
C PHE B 74 -44.65 7.88 6.42
N LEU B 75 -44.93 9.10 6.92
CA LEU B 75 -46.31 9.45 7.19
C LEU B 75 -47.13 9.60 5.92
N SER B 76 -46.50 10.00 4.81
CA SER B 76 -47.25 10.11 3.55
C SER B 76 -47.62 8.74 3.01
N GLU B 77 -46.70 7.78 3.07
CA GLU B 77 -47.04 6.42 2.63
C GLU B 77 -48.05 5.78 3.58
N LEU B 78 -47.90 6.02 4.88
CA LEU B 78 -48.87 5.56 5.86
C LEU B 78 -50.26 6.11 5.55
N ILE B 79 -50.34 7.39 5.18
CA ILE B 79 -51.61 8.02 4.88
C ILE B 79 -52.21 7.44 3.60
N LYS B 80 -51.40 7.36 2.55
CA LYS B 80 -51.83 6.73 1.30
C LYS B 80 -52.40 5.34 1.56
N LYS B 81 -51.77 4.58 2.45
CA LYS B 81 -52.29 3.25 2.77
C LYS B 81 -53.59 3.34 3.58
N HIS B 82 -53.69 4.32 4.47
CA HIS B 82 -54.93 4.49 5.23
C HIS B 82 -56.11 4.78 4.31
N GLU B 83 -55.88 5.54 3.23
CA GLU B 83 -57.00 6.02 2.44
C GLU B 83 -57.74 4.89 1.74
N ALA B 84 -57.07 3.77 1.50
CA ALA B 84 -57.65 2.70 0.68
C ALA B 84 -58.95 2.16 1.29
N VAL B 85 -58.98 1.99 2.62
CA VAL B 85 -60.19 1.50 3.27
C VAL B 85 -61.28 2.57 3.31
N HIS B 86 -60.91 3.84 3.20
CA HIS B 86 -61.85 4.95 3.14
C HIS B 86 -62.76 5.02 4.37
N THR B 87 -62.23 4.65 5.54
CA THR B 87 -62.96 4.85 6.78
C THR B 87 -62.84 6.31 7.21
N GLU B 88 -63.36 6.63 8.39
CA GLU B 88 -63.39 8.01 8.84
C GLU B 88 -61.97 8.48 9.15
N PRO B 89 -61.53 9.60 8.58
CA PRO B 89 -60.17 10.08 8.83
C PRO B 89 -59.94 10.43 10.29
N LEU B 90 -58.75 10.06 10.76
CA LEU B 90 -58.33 10.30 12.12
C LEU B 90 -57.53 11.59 12.19
N ASP B 91 -57.93 12.49 13.07
CA ASP B 91 -57.28 13.78 13.21
C ASP B 91 -55.81 13.70 13.63
N GLU B 92 -55.50 12.80 14.56
CA GLU B 92 -54.12 12.75 15.03
C GLU B 92 -53.14 12.42 13.93
N LEU B 93 -53.45 11.47 13.07
CA LEU B 93 -52.50 11.12 12.04
C LEU B 93 -52.25 12.29 11.13
N TYR B 94 -53.32 12.95 10.73
CA TYR B 94 -53.14 14.04 9.83
C TYR B 94 -52.35 15.16 10.46
N GLU B 95 -52.65 15.45 11.72
CA GLU B 95 -51.95 16.51 12.42
C GLU B 95 -50.46 16.26 12.42
N ALA B 96 -50.08 15.02 12.74
CA ALA B 96 -48.66 14.67 12.82
C ALA B 96 -47.95 14.96 11.51
N LEU B 97 -48.59 14.64 10.39
CA LEU B 97 -47.96 15.00 9.11
C LEU B 97 -47.85 16.50 8.98
N ALA B 98 -48.87 17.23 9.46
CA ALA B 98 -48.80 18.69 9.48
C ALA B 98 -47.62 19.17 10.29
N GLU B 99 -47.36 18.52 11.44
CA GLU B 99 -46.18 18.84 12.23
C GLU B 99 -44.90 18.67 11.41
N THR B 100 -44.76 17.53 10.74
CA THR B 100 -43.53 17.31 9.95
C THR B 100 -43.41 18.30 8.81
N LEU B 101 -44.54 18.75 8.25
CA LEU B 101 -44.48 19.76 7.20
C LEU B 101 -44.03 21.11 7.78
N MET B 102 -44.53 21.47 8.95
CA MET B 102 -44.11 22.69 9.63
C MET B 102 -42.74 22.57 10.29
N ALA B 103 -42.06 21.43 10.14
CA ALA B 103 -40.83 21.17 10.86
C ALA B 103 -39.65 21.87 10.21
N LYS B 104 -38.66 22.22 11.05
CA LYS B 104 -37.44 22.81 10.56
C LYS B 104 -36.58 21.75 9.88
N GLU B 105 -36.17 22.02 8.64
CA GLU B 105 -35.32 21.07 7.92
C GLU B 105 -33.91 20.99 8.51
N SER B 106 -33.53 21.95 9.35
CA SER B 106 -32.19 22.00 9.93
C SER B 106 -32.12 21.07 11.14
N THR B 107 -31.88 19.79 10.85
CA THR B 107 -31.69 18.78 11.88
C THR B 107 -30.56 17.85 11.44
N GLN B 108 -29.80 17.36 12.42
CA GLN B 108 -28.69 16.47 12.11
C GLN B 108 -29.17 15.15 11.50
N GLY B 109 -30.37 14.71 11.87
CA GLY B 109 -30.86 13.43 11.41
C GLY B 109 -30.23 12.28 12.18
N HIS B 110 -31.02 11.57 12.98
CA HIS B 110 -30.51 10.53 13.86
C HIS B 110 -31.14 9.19 13.54
N ARG B 111 -30.41 8.13 13.83
CA ARG B 111 -30.89 6.76 13.77
C ARG B 111 -30.70 6.13 15.15
N SER B 112 -31.79 5.58 15.70
CA SER B 112 -31.75 4.95 17.01
C SER B 112 -32.01 3.46 16.87
N TYR B 113 -31.34 2.67 17.71
CA TYR B 113 -31.43 1.22 17.69
C TYR B 113 -31.76 0.75 19.10
N LEU B 114 -32.97 0.25 19.28
CA LEU B 114 -33.40 -0.29 20.56
C LEU B 114 -32.76 -1.65 20.81
N LEU B 115 -32.73 -2.05 22.08
CA LEU B 115 -32.12 -3.31 22.47
C LEU B 115 -32.94 -3.93 23.59
N PRO B 116 -32.93 -5.26 23.72
CA PRO B 116 -33.87 -5.93 24.65
C PRO B 116 -33.77 -5.46 26.09
N SER B 117 -32.68 -4.81 26.49
CA SER B 117 -32.57 -4.30 27.85
C SER B 117 -33.48 -3.12 28.11
N GLY B 118 -34.16 -2.60 27.09
CA GLY B 118 -34.99 -1.42 27.21
C GLY B 118 -34.31 -0.12 26.80
N GLY B 119 -32.99 -0.14 26.63
CA GLY B 119 -32.26 1.04 26.22
C GLY B 119 -32.09 1.14 24.73
N SER B 120 -31.37 2.17 24.31
CA SER B 120 -31.19 2.45 22.89
C SER B 120 -29.81 3.03 22.64
N VAL B 121 -29.31 2.80 21.45
CA VAL B 121 -28.09 3.43 20.93
C VAL B 121 -28.52 4.44 19.87
N THR B 122 -28.28 5.72 20.14
CA THR B 122 -28.70 6.80 19.25
C THR B 122 -27.48 7.38 18.57
N LEU B 123 -27.47 7.39 17.24
CA LEU B 123 -26.37 7.89 16.44
C LEU B 123 -26.84 9.05 15.58
N SER B 124 -25.97 10.05 15.42
CA SER B 124 -26.17 11.09 14.44
C SER B 124 -25.44 10.68 13.17
N GLU B 125 -26.19 10.50 12.08
CA GLU B 125 -25.63 9.96 10.84
C GLU B 125 -25.92 10.90 9.69
N SER B 126 -25.16 10.72 8.61
CA SER B 126 -25.31 11.53 7.41
C SER B 126 -26.52 11.07 6.60
N THR B 127 -26.89 11.90 5.62
CA THR B 127 -28.01 11.59 4.75
C THR B 127 -27.61 11.77 3.29
N THR B 135 -19.99 5.79 3.54
CA THR B 135 -18.54 5.89 3.45
C THR B 135 -17.92 5.97 4.84
N GLY B 136 -18.68 5.55 5.87
CA GLY B 136 -18.26 5.60 7.25
C GLY B 136 -19.11 6.50 8.12
N LEU B 137 -19.73 7.51 7.53
CA LEU B 137 -20.61 8.40 8.26
C LEU B 137 -21.99 7.81 8.50
N VAL B 138 -22.25 6.60 8.01
CA VAL B 138 -23.51 5.91 8.21
C VAL B 138 -23.23 4.52 8.77
N THR B 139 -24.24 3.95 9.42
CA THR B 139 -24.14 2.61 9.96
C THR B 139 -24.43 1.59 8.86
N TRP B 140 -23.48 0.71 8.60
CA TRP B 140 -23.66 -0.37 7.65
C TRP B 140 -24.22 -1.59 8.38
N ASP B 141 -24.69 -2.57 7.59
CA ASP B 141 -25.42 -3.70 8.16
C ASP B 141 -24.50 -4.67 8.91
N ALA B 142 -23.21 -4.71 8.57
CA ALA B 142 -22.32 -5.62 9.27
C ALA B 142 -21.95 -5.13 10.66
N ALA B 143 -21.98 -3.81 10.88
CA ALA B 143 -21.93 -3.31 12.26
C ALA B 143 -23.10 -3.84 13.06
N LEU B 144 -24.30 -3.86 12.45
CA LEU B 144 -25.47 -4.46 13.09
C LEU B 144 -25.24 -5.94 13.43
N TYR B 145 -24.75 -6.70 12.44
CA TYR B 145 -24.42 -8.11 12.68
C TYR B 145 -23.43 -8.28 13.83
N LEU B 146 -22.32 -7.55 13.80
CA LEU B 146 -21.32 -7.71 14.85
C LEU B 146 -21.88 -7.31 16.21
N ALA B 147 -22.75 -6.30 16.26
CA ALA B 147 -23.33 -5.92 17.54
C ALA B 147 -24.28 -7.00 18.07
N GLU B 148 -25.13 -7.54 17.20
CA GLU B 148 -26.03 -8.62 17.63
C GLU B 148 -25.25 -9.84 18.11
N TRP B 149 -24.15 -10.17 17.42
CA TRP B 149 -23.33 -11.30 17.82
C TRP B 149 -22.64 -11.04 19.16
N ALA B 150 -22.03 -9.87 19.31
CA ALA B 150 -21.40 -9.51 20.57
C ALA B 150 -22.40 -9.50 21.71
N ILE B 151 -23.67 -9.20 21.42
CA ILE B 151 -24.70 -9.27 22.44
C ILE B 151 -25.02 -10.72 22.77
N GLU B 152 -24.98 -11.62 21.77
CA GLU B 152 -25.22 -13.03 22.06
C GLU B 152 -24.03 -13.70 22.74
N ASN B 153 -22.83 -13.12 22.67
CA ASN B 153 -21.64 -13.70 23.28
C ASN B 153 -20.91 -12.66 24.12
N PRO B 154 -21.52 -12.20 25.22
CA PRO B 154 -20.89 -11.12 26.01
C PRO B 154 -19.66 -11.55 26.78
N ALA B 155 -19.39 -12.86 26.88
CA ALA B 155 -18.20 -13.31 27.61
C ALA B 155 -16.92 -12.93 26.89
N VAL B 156 -16.99 -12.74 25.57
CA VAL B 156 -15.81 -12.40 24.79
C VAL B 156 -15.30 -11.00 25.18
N PHE B 157 -16.20 -10.09 25.55
CA PHE B 157 -15.86 -8.70 25.77
C PHE B 157 -15.98 -8.24 27.21
N THR B 158 -16.49 -9.09 28.10
CA THR B 158 -16.75 -8.67 29.48
C THR B 158 -15.43 -8.45 30.22
N ASN B 159 -15.26 -7.24 30.77
CA ASN B 159 -14.05 -6.85 31.49
C ASN B 159 -12.80 -7.02 30.62
N ARG B 160 -12.96 -6.86 29.31
CA ARG B 160 -11.87 -6.99 28.35
C ARG B 160 -11.56 -5.64 27.73
N THR B 161 -10.39 -5.55 27.10
CA THR B 161 -10.01 -4.37 26.33
C THR B 161 -10.28 -4.64 24.86
N VAL B 162 -11.12 -3.82 24.25
CA VAL B 162 -11.60 -4.03 22.89
C VAL B 162 -11.11 -2.89 22.01
N LEU B 163 -10.58 -3.24 20.84
CA LEU B 163 -10.12 -2.28 19.85
C LEU B 163 -10.94 -2.48 18.58
N GLU B 164 -11.66 -1.43 18.17
CA GLU B 164 -12.48 -1.48 16.97
C GLU B 164 -11.74 -0.80 15.83
N LEU B 165 -11.48 -1.55 14.75
CA LEU B 165 -10.86 -0.99 13.57
C LEU B 165 -11.95 -0.56 12.59
N GLY B 166 -11.91 0.71 12.18
CA GLY B 166 -12.95 1.25 11.32
C GLY B 166 -14.29 1.32 12.04
N SER B 167 -14.33 2.10 13.12
CA SER B 167 -15.56 2.17 13.91
C SER B 167 -16.70 2.82 13.13
N GLY B 168 -16.39 3.78 12.26
CA GLY B 168 -17.43 4.41 11.47
C GLY B 168 -18.36 5.22 12.35
N ALA B 169 -19.67 4.98 12.21
CA ALA B 169 -20.65 5.66 13.05
C ALA B 169 -20.49 5.27 14.52
N GLY B 170 -19.98 4.07 14.78
CA GLY B 170 -19.76 3.63 16.14
C GLY B 170 -20.90 2.87 16.76
N LEU B 171 -21.77 2.27 15.96
CA LEU B 171 -22.89 1.50 16.51
C LEU B 171 -22.40 0.32 17.32
N THR B 172 -21.55 -0.51 16.72
CA THR B 172 -21.10 -1.73 17.38
C THR B 172 -20.40 -1.42 18.70
N GLY B 173 -19.52 -0.42 18.70
CA GLY B 173 -18.78 -0.10 19.90
C GLY B 173 -19.67 0.42 21.02
N LEU B 174 -20.63 1.29 20.68
CA LEU B 174 -21.52 1.82 21.70
C LEU B 174 -22.45 0.73 22.23
N ALA B 175 -22.91 -0.16 21.35
CA ALA B 175 -23.72 -1.28 21.80
C ALA B 175 -22.95 -2.18 22.75
N ILE B 176 -21.68 -2.46 22.43
CA ILE B 176 -20.86 -3.29 23.32
C ILE B 176 -20.60 -2.58 24.64
N CYS B 177 -20.38 -1.26 24.59
CA CYS B 177 -20.12 -0.51 25.82
C CYS B 177 -21.35 -0.51 26.73
N LYS B 178 -22.54 -0.46 26.14
CA LYS B 178 -23.76 -0.45 26.94
C LYS B 178 -24.25 -1.84 27.34
N MET B 179 -23.84 -2.89 26.64
CA MET B 179 -24.43 -4.21 26.85
C MET B 179 -23.44 -5.25 27.37
N CYS B 180 -22.19 -5.23 26.93
CA CYS B 180 -21.24 -6.29 27.28
C CYS B 180 -20.22 -5.88 28.33
N ARG B 181 -20.22 -4.62 28.77
CA ARG B 181 -19.43 -4.13 29.90
C ARG B 181 -17.95 -4.47 29.77
N PRO B 182 -17.23 -3.86 28.84
CA PRO B 182 -15.78 -4.11 28.77
C PRO B 182 -15.03 -3.41 29.88
N ARG B 183 -13.70 -3.55 29.90
CA ARG B 183 -12.89 -2.73 30.79
C ARG B 183 -12.54 -1.41 30.14
N ALA B 184 -12.20 -1.45 28.85
CA ALA B 184 -11.89 -0.27 28.07
C ALA B 184 -12.24 -0.55 26.62
N TYR B 185 -12.69 0.48 25.91
CA TYR B 185 -13.03 0.36 24.50
C TYR B 185 -12.33 1.46 23.73
N ILE B 186 -11.63 1.08 22.66
CA ILE B 186 -10.88 2.01 21.83
C ILE B 186 -11.54 2.05 20.45
N PHE B 187 -12.21 3.16 20.15
CA PHE B 187 -12.67 3.42 18.80
C PHE B 187 -11.50 3.91 17.96
N SER B 188 -11.34 3.35 16.77
CA SER B 188 -10.22 3.72 15.90
C SER B 188 -10.70 3.89 14.48
N ASP B 189 -10.31 5.00 13.86
CA ASP B 189 -10.60 5.25 12.46
C ASP B 189 -9.58 6.26 11.94
N CYS B 190 -9.54 6.43 10.62
CA CYS B 190 -8.56 7.29 9.96
C CYS B 190 -9.13 8.60 9.47
N HIS B 191 -10.42 8.66 9.13
CA HIS B 191 -11.01 9.85 8.54
C HIS B 191 -11.44 10.81 9.64
N SER B 192 -11.07 12.09 9.50
CA SER B 192 -11.25 13.04 10.59
C SER B 192 -12.73 13.33 10.85
N ARG B 193 -13.52 13.52 9.78
CA ARG B 193 -14.94 13.81 9.98
C ARG B 193 -15.66 12.63 10.61
N VAL B 194 -15.27 11.41 10.23
CA VAL B 194 -15.83 10.22 10.87
C VAL B 194 -15.49 10.22 12.36
N LEU B 195 -14.26 10.62 12.72
CA LEU B 195 -13.87 10.67 14.12
C LEU B 195 -14.67 11.72 14.89
N GLU B 196 -14.93 12.86 14.26
CA GLU B 196 -15.71 13.91 14.91
C GLU B 196 -17.14 13.43 15.16
N GLN B 197 -17.79 12.89 14.14
CA GLN B 197 -19.13 12.35 14.31
C GLN B 197 -19.14 11.21 15.33
N LEU B 198 -18.04 10.44 15.41
CA LEU B 198 -17.97 9.34 16.35
C LEU B 198 -17.86 9.82 17.79
N ARG B 199 -17.05 10.85 18.04
CA ARG B 199 -17.03 11.47 19.36
C ARG B 199 -18.40 12.03 19.74
N GLY B 200 -19.06 12.68 18.77
CA GLY B 200 -20.40 13.16 19.01
C GLY B 200 -21.37 12.05 19.38
N ASN B 201 -21.26 10.90 18.71
CA ASN B 201 -22.15 9.78 18.99
C ASN B 201 -21.83 9.15 20.34
N VAL B 202 -20.55 9.10 20.71
CA VAL B 202 -20.16 8.56 22.00
C VAL B 202 -20.73 9.42 23.12
N LEU B 203 -20.59 10.74 23.01
CA LEU B 203 -21.14 11.62 24.04
C LEU B 203 -22.66 11.64 24.01
N LEU B 204 -23.27 11.44 22.84
CA LEU B 204 -24.73 11.47 22.75
C LEU B 204 -25.36 10.32 23.51
N ASN B 205 -24.68 9.18 23.60
CA ASN B 205 -25.19 8.01 24.30
C ASN B 205 -24.85 8.00 25.78
N GLY B 206 -24.40 9.12 26.33
CA GLY B 206 -24.15 9.23 27.74
C GLY B 206 -22.83 8.64 28.22
N LEU B 207 -21.93 8.29 27.32
CA LEU B 207 -20.63 7.74 27.68
C LEU B 207 -19.58 8.84 27.65
N SER B 208 -18.63 8.76 28.57
CA SER B 208 -17.60 9.78 28.73
C SER B 208 -16.28 9.33 28.10
N LEU B 209 -15.55 10.30 27.57
CA LEU B 209 -14.22 10.04 27.04
C LEU B 209 -13.25 9.75 28.18
N GLU B 210 -12.21 8.97 27.89
CA GLU B 210 -11.25 8.63 28.94
C GLU B 210 -10.52 9.89 29.43
N ALA B 211 -10.21 10.81 28.53
CA ALA B 211 -9.44 12.01 28.87
C ALA B 211 -10.09 12.79 30.00
N SER B 219 -17.31 2.92 35.00
CA SER B 219 -17.71 2.37 33.71
C SER B 219 -16.45 2.01 32.92
N PRO B 220 -16.58 1.26 31.82
CA PRO B 220 -15.43 1.04 30.95
C PRO B 220 -14.88 2.35 30.38
N ARG B 221 -13.57 2.45 30.32
CA ARG B 221 -12.93 3.61 29.72
C ARG B 221 -13.16 3.59 28.22
N VAL B 222 -13.44 4.76 27.65
CA VAL B 222 -13.79 4.89 26.24
C VAL B 222 -12.87 5.93 25.60
N THR B 223 -12.22 5.56 24.50
CA THR B 223 -11.36 6.45 23.75
C THR B 223 -11.70 6.42 22.27
N VAL B 224 -11.52 7.57 21.63
CA VAL B 224 -11.63 7.71 20.19
C VAL B 224 -10.25 8.14 19.70
N ALA B 225 -9.47 7.20 19.19
CA ALA B 225 -8.12 7.45 18.74
C ALA B 225 -8.03 7.30 17.23
N GLN B 226 -7.18 8.12 16.61
CA GLN B 226 -6.94 8.01 15.18
C GLN B 226 -5.95 6.88 14.92
N LEU B 227 -6.32 5.96 14.03
CA LEU B 227 -5.49 4.81 13.70
C LEU B 227 -5.63 4.53 12.22
N ASP B 228 -4.76 5.16 11.42
CA ASP B 228 -4.75 4.91 9.98
C ASP B 228 -3.98 3.62 9.73
N TRP B 229 -4.62 2.69 9.03
CA TRP B 229 -4.04 1.38 8.79
C TRP B 229 -2.76 1.45 7.98
N ASP B 230 -2.57 2.51 7.20
CA ASP B 230 -1.45 2.56 6.28
C ASP B 230 -0.13 2.86 6.96
N VAL B 231 -0.15 3.67 8.02
CA VAL B 231 1.05 4.11 8.70
C VAL B 231 1.05 3.73 10.17
N ALA B 232 0.10 2.90 10.60
CA ALA B 232 0.05 2.46 11.98
C ALA B 232 1.33 1.70 12.33
N THR B 233 2.02 2.17 13.36
CA THR B 233 3.31 1.59 13.74
C THR B 233 3.13 0.49 14.78
N VAL B 234 4.21 -0.29 14.97
CA VAL B 234 4.18 -1.35 15.96
C VAL B 234 4.13 -0.76 17.37
N HIS B 235 4.79 0.38 17.58
CA HIS B 235 4.77 1.04 18.88
C HIS B 235 3.39 1.59 19.20
N GLN B 236 2.78 2.30 18.24
CA GLN B 236 1.45 2.85 18.43
C GLN B 236 0.44 1.77 18.76
N LEU B 237 0.44 0.69 17.98
CA LEU B 237 -0.49 -0.42 18.22
C LEU B 237 -0.14 -1.20 19.49
N SER B 238 1.12 -1.15 19.93
CA SER B 238 1.47 -1.70 21.23
C SER B 238 0.82 -0.91 22.34
N ALA B 239 0.76 0.42 22.19
CA ALA B 239 0.24 1.29 23.24
C ALA B 239 -1.20 0.94 23.61
N PHE B 240 -1.97 0.36 22.68
CA PHE B 240 -3.37 0.07 22.98
C PHE B 240 -3.53 -1.13 23.92
N GLN B 241 -2.65 -2.12 23.81
CA GLN B 241 -2.74 -3.36 24.58
C GLN B 241 -4.13 -4.00 24.48
N PRO B 242 -4.57 -4.38 23.29
CA PRO B 242 -5.92 -4.93 23.15
C PRO B 242 -5.99 -6.41 23.48
N ASP B 243 -7.08 -6.81 24.13
CA ASP B 243 -7.38 -8.22 24.31
C ASP B 243 -8.25 -8.75 23.18
N VAL B 244 -9.13 -7.93 22.64
CA VAL B 244 -9.98 -8.30 21.51
C VAL B 244 -9.90 -7.19 20.47
N VAL B 245 -9.90 -7.57 19.20
CA VAL B 245 -9.91 -6.65 18.07
C VAL B 245 -11.08 -7.03 17.18
N ILE B 246 -11.92 -6.05 16.84
CA ILE B 246 -13.11 -6.29 16.04
C ILE B 246 -13.19 -5.29 14.90
N ALA B 247 -13.76 -5.74 13.78
CA ALA B 247 -13.98 -4.90 12.61
C ALA B 247 -15.28 -5.32 11.94
N ALA B 248 -15.97 -4.34 11.35
CA ALA B 248 -17.30 -4.57 10.76
C ALA B 248 -17.41 -3.79 9.46
N ASP B 249 -17.73 -4.50 8.37
CA ASP B 249 -17.87 -3.90 7.04
C ASP B 249 -16.67 -3.04 6.66
N VAL B 250 -15.46 -3.55 6.95
CA VAL B 250 -14.25 -2.85 6.58
C VAL B 250 -13.68 -3.35 5.26
N LEU B 251 -14.30 -4.34 4.64
CA LEU B 251 -13.81 -4.90 3.38
C LEU B 251 -14.55 -4.22 2.24
N TYR B 252 -13.88 -3.24 1.63
CA TYR B 252 -14.45 -2.44 0.55
C TYR B 252 -13.52 -2.29 -0.65
N CYS B 253 -12.22 -2.49 -0.48
CA CYS B 253 -11.23 -2.28 -1.53
C CYS B 253 -10.19 -3.39 -1.47
N PRO B 254 -9.72 -3.88 -2.63
CA PRO B 254 -8.64 -4.89 -2.61
C PRO B 254 -7.37 -4.42 -1.93
N GLU B 255 -7.01 -3.15 -2.11
CA GLU B 255 -5.81 -2.61 -1.49
C GLU B 255 -5.99 -2.50 0.02
N ALA B 256 -7.19 -2.12 0.46
CA ALA B 256 -7.48 -2.03 1.87
C ALA B 256 -7.34 -3.40 2.54
N TYR B 257 -7.51 -4.48 1.79
CA TYR B 257 -7.30 -5.81 2.36
C TYR B 257 -5.87 -5.96 2.83
N TYR B 258 -4.92 -5.67 1.93
CA TYR B 258 -3.51 -5.74 2.26
C TYR B 258 -3.19 -4.82 3.43
N SER B 259 -3.70 -3.59 3.40
CA SER B 259 -3.45 -2.66 4.50
C SER B 259 -3.92 -3.23 5.83
N LEU B 260 -5.16 -3.69 5.89
CA LEU B 260 -5.74 -4.22 7.13
C LEU B 260 -5.00 -5.47 7.60
N VAL B 261 -4.62 -6.34 6.67
CA VAL B 261 -3.94 -7.58 7.03
C VAL B 261 -2.56 -7.28 7.59
N GLY B 262 -1.85 -6.33 6.98
CA GLY B 262 -0.59 -5.90 7.56
C GLY B 262 -0.76 -5.26 8.93
N VAL B 263 -1.88 -4.56 9.15
CA VAL B 263 -2.15 -4.01 10.47
C VAL B 263 -2.34 -5.11 11.49
N LEU B 264 -3.06 -6.17 11.11
CA LEU B 264 -3.24 -7.30 12.02
C LEU B 264 -1.90 -7.97 12.32
N ARG B 265 -1.05 -8.09 11.30
CA ARG B 265 0.30 -8.62 11.49
C ARG B 265 1.07 -7.79 12.50
N ARG B 266 1.05 -6.46 12.33
CA ARG B 266 1.72 -5.58 13.28
C ARG B 266 1.14 -5.75 14.68
N LEU B 267 -0.19 -5.79 14.79
CA LEU B 267 -0.85 -6.00 16.08
C LEU B 267 -0.32 -7.24 16.77
N ALA B 268 -0.13 -8.32 16.02
CA ALA B 268 0.52 -9.51 16.57
C ALA B 268 1.91 -9.17 17.07
N ALA B 269 2.68 -8.43 16.26
CA ALA B 269 4.06 -8.11 16.64
C ALA B 269 4.15 -7.16 17.83
N CYS B 270 3.05 -6.49 18.20
CA CYS B 270 3.11 -5.44 19.22
C CYS B 270 3.38 -6.02 20.60
N ARG B 271 2.48 -6.87 21.08
CA ARG B 271 2.71 -7.57 22.35
C ARG B 271 3.25 -8.97 22.04
N GLU B 272 4.49 -8.97 21.55
CA GLU B 272 5.12 -10.21 21.08
C GLU B 272 5.21 -11.25 22.18
N HIS B 273 5.72 -10.86 23.35
CA HIS B 273 5.90 -11.81 24.44
C HIS B 273 4.56 -12.37 24.90
N GLN B 274 3.52 -11.54 24.95
CA GLN B 274 2.23 -11.96 25.44
C GLN B 274 1.42 -12.64 24.33
N ARG B 275 0.26 -13.16 24.71
CA ARG B 275 -0.57 -13.89 23.77
C ARG B 275 -1.21 -12.93 22.76
N ALA B 276 -1.51 -13.46 21.57
CA ALA B 276 -2.14 -12.67 20.53
C ALA B 276 -3.63 -12.49 20.83
N PRO B 277 -4.18 -11.32 20.51
CA PRO B 277 -5.60 -11.08 20.82
C PRO B 277 -6.54 -11.79 19.87
N GLU B 278 -7.74 -12.07 20.36
CA GLU B 278 -8.79 -12.60 19.52
C GLU B 278 -9.24 -11.54 18.53
N VAL B 279 -9.41 -11.94 17.27
CA VAL B 279 -9.77 -11.03 16.19
C VAL B 279 -11.07 -11.51 15.55
N TYR B 280 -12.02 -10.60 15.37
CA TYR B 280 -13.30 -10.90 14.75
C TYR B 280 -13.60 -9.87 13.67
N VAL B 281 -13.90 -10.35 12.47
CA VAL B 281 -14.15 -9.50 11.31
C VAL B 281 -15.48 -9.90 10.68
N ALA B 282 -16.47 -9.00 10.75
CA ALA B 282 -17.77 -9.21 10.14
C ALA B 282 -17.91 -8.34 8.90
N PHE B 283 -18.62 -8.85 7.89
CA PHE B 283 -18.71 -8.16 6.62
C PHE B 283 -19.93 -8.61 5.84
N THR B 284 -20.34 -7.75 4.91
CA THR B 284 -21.43 -8.04 3.98
C THR B 284 -20.84 -8.60 2.69
N VAL B 285 -21.38 -9.73 2.24
CA VAL B 285 -20.90 -10.36 1.02
C VAL B 285 -21.58 -9.72 -0.18
N ARG B 286 -20.95 -8.70 -0.76
CA ARG B 286 -21.45 -8.07 -1.96
C ARG B 286 -20.91 -8.73 -3.22
N ASN B 287 -19.72 -9.32 -3.15
CA ASN B 287 -19.13 -10.09 -4.23
C ASN B 287 -18.57 -11.38 -3.64
N PRO B 288 -18.95 -12.55 -4.17
CA PRO B 288 -18.38 -13.80 -3.65
C PRO B 288 -16.88 -13.90 -3.85
N GLU B 289 -16.35 -13.22 -4.85
CA GLU B 289 -14.90 -13.20 -5.09
C GLU B 289 -14.16 -12.48 -3.97
N THR B 290 -14.82 -11.50 -3.35
CA THR B 290 -14.25 -10.76 -2.23
C THR B 290 -13.80 -11.66 -1.09
N CYS B 291 -14.66 -12.60 -0.69
CA CYS B 291 -14.35 -13.47 0.44
C CYS B 291 -13.11 -14.31 0.14
N GLN B 292 -13.06 -14.90 -1.06
CA GLN B 292 -11.90 -15.69 -1.44
C GLN B 292 -10.63 -14.85 -1.46
N LEU B 293 -10.72 -13.62 -1.98
CA LEU B 293 -9.53 -12.77 -2.01
C LEU B 293 -9.04 -12.42 -0.61
N PHE B 294 -9.97 -12.11 0.30
CA PHE B 294 -9.55 -11.76 1.66
C PHE B 294 -8.96 -12.97 2.38
N THR B 295 -9.54 -14.17 2.16
CA THR B 295 -8.95 -15.37 2.74
C THR B 295 -7.55 -15.63 2.20
N THR B 296 -7.36 -15.41 0.89
CA THR B 296 -6.04 -15.56 0.30
C THR B 296 -5.03 -14.61 0.93
N TYR B 297 -5.44 -13.34 1.11
CA TYR B 297 -4.54 -12.37 1.75
C TYR B 297 -4.24 -12.77 3.19
N LEU B 298 -5.21 -13.32 3.91
CA LEU B 298 -4.95 -13.79 5.26
C LEU B 298 -3.96 -14.94 5.26
N GLY B 299 -4.05 -15.82 4.26
CA GLY B 299 -3.11 -16.93 4.17
C GLY B 299 -1.69 -16.49 3.87
N ARG B 300 -1.53 -15.43 3.09
CA ARG B 300 -0.20 -14.96 2.72
C ARG B 300 0.49 -14.19 3.84
N ALA B 301 -0.25 -13.81 4.88
CA ALA B 301 0.34 -13.13 6.03
C ALA B 301 0.56 -14.06 7.21
N GLY B 302 0.17 -15.33 7.10
CA GLY B 302 0.26 -16.24 8.21
C GLY B 302 -0.76 -15.94 9.28
N ILE B 303 -2.04 -15.89 8.89
CA ILE B 303 -3.14 -15.68 9.81
C ILE B 303 -4.19 -16.74 9.54
N ARG B 304 -4.51 -17.55 10.54
CA ARG B 304 -5.53 -18.56 10.37
C ARG B 304 -6.92 -17.95 10.60
N TRP B 305 -7.92 -18.57 10.00
CA TRP B 305 -9.27 -18.03 10.04
C TRP B 305 -10.30 -19.14 10.05
N GLU B 306 -11.38 -18.94 10.80
CA GLU B 306 -12.50 -19.87 10.84
C GLU B 306 -13.81 -19.12 10.68
N VAL B 307 -14.76 -19.74 10.00
CA VAL B 307 -16.07 -19.15 9.78
C VAL B 307 -16.93 -19.40 11.01
N GLU B 308 -17.25 -18.34 11.74
CA GLU B 308 -18.19 -18.45 12.84
C GLU B 308 -19.58 -18.80 12.30
N PRO B 309 -20.37 -19.56 13.05
CA PRO B 309 -21.72 -19.89 12.59
C PRO B 309 -22.59 -18.65 12.56
N ARG B 310 -23.44 -18.56 11.53
CA ARG B 310 -24.36 -17.44 11.44
C ARG B 310 -25.30 -17.42 12.64
N HIS B 311 -25.39 -16.28 13.29
CA HIS B 311 -26.40 -16.12 14.31
C HIS B 311 -27.70 -15.66 13.65
N GLU B 312 -28.81 -15.82 14.35
CA GLU B 312 -30.11 -15.46 13.79
C GLU B 312 -30.25 -13.94 13.72
N GLN B 313 -30.92 -13.46 12.67
CA GLN B 313 -31.22 -12.04 12.53
C GLN B 313 -32.38 -11.69 13.46
N LYS B 314 -32.06 -11.03 14.57
CA LYS B 314 -33.06 -10.83 15.63
C LYS B 314 -33.21 -9.38 16.07
N LEU B 315 -32.18 -8.83 16.73
CA LEU B 315 -32.34 -7.53 17.38
C LEU B 315 -32.43 -6.39 16.37
N PHE B 316 -31.59 -6.44 15.33
CA PHE B 316 -31.44 -5.26 14.47
C PHE B 316 -32.04 -5.48 13.08
N PRO B 317 -32.55 -4.42 12.44
CA PRO B 317 -33.12 -4.55 11.10
C PRO B 317 -32.07 -4.59 9.99
N TYR B 318 -31.58 -5.78 9.66
CA TYR B 318 -30.59 -5.90 8.59
C TYR B 318 -31.24 -5.53 7.26
N GLU B 319 -30.42 -5.02 6.34
CA GLU B 319 -30.94 -4.55 5.06
C GLU B 319 -30.20 -5.19 3.89
N GLU B 320 -30.84 -5.08 2.73
CA GLU B 320 -30.47 -5.66 1.44
C GLU B 320 -30.61 -7.17 1.40
N HIS B 321 -30.93 -7.84 2.51
CA HIS B 321 -31.19 -9.28 2.54
C HIS B 321 -30.06 -10.07 1.87
N LEU B 322 -28.84 -9.86 2.36
CA LEU B 322 -27.67 -10.47 1.76
C LEU B 322 -26.91 -11.30 2.78
N GLU B 323 -26.20 -12.31 2.28
CA GLU B 323 -25.38 -13.14 3.14
C GLU B 323 -24.36 -12.30 3.90
N MET B 324 -24.30 -12.49 5.21
CA MET B 324 -23.43 -11.74 6.08
C MET B 324 -22.52 -12.72 6.79
N ALA B 325 -21.21 -12.50 6.73
CA ALA B 325 -20.25 -13.49 7.21
C ALA B 325 -19.31 -12.88 8.23
N MET B 326 -18.91 -13.70 9.21
CA MET B 326 -17.95 -13.28 10.21
C MET B 326 -16.84 -14.33 10.32
N LEU B 327 -15.60 -13.85 10.45
CA LEU B 327 -14.43 -14.69 10.59
C LEU B 327 -13.78 -14.44 11.95
N ASN B 328 -13.43 -15.53 12.62
CA ASN B 328 -12.60 -15.49 13.81
C ASN B 328 -11.17 -15.82 13.38
N LEU B 329 -10.26 -14.88 13.58
CA LEU B 329 -8.89 -15.00 13.11
C LEU B 329 -7.96 -15.32 14.28
N THR B 330 -7.10 -16.31 14.08
CA THR B 330 -5.99 -16.61 14.97
C THR B 330 -4.73 -16.03 14.34
N LEU B 331 -4.15 -15.03 15.00
CA LEU B 331 -2.93 -14.40 14.51
C LEU B 331 -1.73 -15.31 14.76
N ASN C 7 1.39 44.16 -39.37
CA ASN C 7 2.06 43.56 -38.23
C ASN C 7 1.48 42.19 -37.93
N ALA C 8 0.29 41.93 -38.48
CA ALA C 8 -0.40 40.67 -38.21
C ALA C 8 0.39 39.49 -38.73
N GLY C 9 0.48 38.43 -37.92
CA GLY C 9 1.16 37.22 -38.32
C GLY C 9 2.56 37.09 -37.75
N THR C 10 3.42 38.05 -38.07
CA THR C 10 4.84 37.94 -37.68
C THR C 10 5.01 38.10 -36.17
N GLU C 11 4.24 38.99 -35.55
CA GLU C 11 4.44 39.29 -34.13
C GLU C 11 4.28 38.05 -33.27
N LEU C 12 3.20 37.30 -33.48
CA LEU C 12 2.98 36.08 -32.70
C LEU C 12 4.05 35.04 -33.01
N LEU C 13 4.68 35.12 -34.18
CA LEU C 13 5.69 34.13 -34.56
C LEU C 13 6.94 34.26 -33.70
N LEU C 14 7.40 35.49 -33.46
CA LEU C 14 8.63 35.70 -32.70
C LEU C 14 8.48 35.21 -31.27
N GLN C 15 7.33 35.44 -30.65
CA GLN C 15 7.10 34.92 -29.31
C GLN C 15 7.02 33.39 -29.31
N SER C 16 6.49 32.80 -30.38
CA SER C 16 6.41 31.35 -30.46
C SER C 16 7.81 30.73 -30.54
N PHE C 17 8.71 31.35 -31.30
CA PHE C 17 10.09 30.86 -31.37
C PHE C 17 10.80 31.10 -30.04
N GLU C 18 10.56 32.25 -29.40
CA GLU C 18 11.21 32.56 -28.14
C GLU C 18 10.83 31.57 -27.05
N ARG C 19 9.52 31.41 -26.80
CA ARG C 19 9.06 30.58 -25.69
C ARG C 19 9.33 29.10 -25.92
N ARG C 20 9.25 28.64 -27.16
CA ARG C 20 9.50 27.23 -27.44
C ARG C 20 10.98 26.89 -27.42
N PHE C 21 11.86 27.82 -27.79
CA PHE C 21 13.30 27.56 -27.73
C PHE C 21 13.79 27.57 -26.28
N LEU C 22 13.41 28.59 -25.52
CA LEU C 22 13.86 28.70 -24.13
C LEU C 22 13.39 27.51 -23.29
N ALA C 23 12.25 26.93 -23.63
CA ALA C 23 11.75 25.74 -22.96
C ALA C 23 12.40 24.46 -23.48
N ALA C 24 13.27 24.56 -24.49
CA ALA C 24 13.95 23.41 -25.07
C ALA C 24 12.96 22.35 -25.57
N ARG C 25 11.84 22.83 -26.13
CA ARG C 25 10.83 21.92 -26.65
C ARG C 25 11.34 21.23 -27.92
N THR C 26 10.63 20.18 -28.34
CA THR C 26 11.03 19.43 -29.51
C THR C 26 10.98 20.31 -30.76
N LEU C 27 11.89 20.03 -31.69
CA LEU C 27 12.00 20.86 -32.90
C LEU C 27 10.76 20.73 -33.78
N ARG C 28 10.06 19.59 -33.72
CA ARG C 28 8.84 19.41 -34.49
C ARG C 28 7.77 20.41 -34.08
N SER C 29 7.81 20.89 -32.85
CA SER C 29 6.80 21.80 -32.32
C SER C 29 7.00 23.25 -32.78
N PHE C 30 8.12 23.56 -33.42
CA PHE C 30 8.32 24.92 -33.90
C PHE C 30 7.42 25.20 -35.10
N PRO C 31 6.91 26.42 -35.21
CA PRO C 31 6.09 26.81 -36.39
C PRO C 31 6.96 27.08 -37.62
N TRP C 32 7.57 26.01 -38.13
CA TRP C 32 8.46 26.14 -39.27
C TRP C 32 7.72 26.55 -40.54
N GLN C 33 6.45 26.15 -40.68
CA GLN C 33 5.71 26.48 -41.89
C GLN C 33 5.40 27.97 -41.97
N SER C 34 5.02 28.57 -40.84
CA SER C 34 4.78 30.02 -40.83
C SER C 34 6.06 30.79 -41.13
N LEU C 35 7.19 30.32 -40.61
CA LEU C 35 8.47 30.94 -40.93
C LEU C 35 8.79 30.80 -42.41
N GLU C 36 8.53 29.62 -42.99
CA GLU C 36 8.73 29.43 -44.41
C GLU C 36 7.90 30.42 -45.23
N ALA C 37 6.63 30.57 -44.88
CA ALA C 37 5.76 31.49 -45.61
C ALA C 37 6.24 32.93 -45.47
N LYS C 38 6.61 33.34 -44.25
CA LYS C 38 7.03 34.72 -44.02
C LYS C 38 8.36 35.02 -44.71
N LEU C 39 9.24 34.02 -44.83
CA LEU C 39 10.48 34.22 -45.57
C LEU C 39 10.28 34.15 -47.08
N ARG C 40 9.23 33.47 -47.54
CA ARG C 40 8.92 33.49 -48.97
C ARG C 40 8.34 34.84 -49.37
N ASP C 41 7.44 35.40 -48.55
CA ASP C 41 6.81 36.66 -48.90
C ASP C 41 7.71 37.87 -48.69
N SER C 42 8.78 37.74 -47.89
CA SER C 42 9.69 38.84 -47.62
C SER C 42 11.12 38.34 -47.77
N SER C 43 11.88 38.99 -48.64
CA SER C 43 13.31 38.69 -48.80
C SER C 43 14.16 39.28 -47.67
N ASP C 44 13.52 39.74 -46.60
CA ASP C 44 14.20 40.42 -45.52
C ASP C 44 14.72 39.39 -44.51
N SER C 45 16.04 39.36 -44.33
CA SER C 45 16.65 38.51 -43.32
C SER C 45 16.50 39.06 -41.91
N GLU C 46 15.84 40.21 -41.74
CA GLU C 46 15.63 40.77 -40.42
C GLU C 46 14.73 39.88 -39.56
N LEU C 47 13.81 39.14 -40.17
CA LEU C 47 13.00 38.20 -39.42
C LEU C 47 13.87 37.12 -38.78
N LEU C 48 14.84 36.60 -39.55
CA LEU C 48 15.71 35.56 -39.03
C LEU C 48 16.65 36.11 -37.97
N ARG C 49 17.10 37.36 -38.13
CA ARG C 49 17.92 37.99 -37.11
C ARG C 49 17.12 38.26 -35.83
N ASP C 50 15.84 38.58 -35.97
CA ASP C 50 14.98 38.75 -34.80
C ASP C 50 14.77 37.42 -34.09
N ILE C 51 14.55 36.34 -34.85
CA ILE C 51 14.48 35.01 -34.25
C ILE C 51 15.78 34.67 -33.54
N LEU C 52 16.91 35.04 -34.15
CA LEU C 52 18.21 34.81 -33.55
C LEU C 52 18.33 35.51 -32.21
N HIS C 53 17.95 36.79 -32.16
CA HIS C 53 18.07 37.56 -30.93
C HIS C 53 17.05 37.14 -29.88
N LYS C 54 15.92 36.58 -30.30
CA LYS C 54 14.90 36.12 -29.37
C LYS C 54 15.13 34.69 -28.88
N THR C 55 16.10 33.97 -29.44
CA THR C 55 16.33 32.59 -29.06
C THR C 55 17.74 32.37 -28.51
N VAL C 56 18.72 32.12 -29.40
CA VAL C 56 20.05 31.78 -28.94
C VAL C 56 20.76 32.99 -28.33
N LYS C 57 20.47 34.19 -28.83
CA LYS C 57 21.04 35.42 -28.30
C LYS C 57 20.14 36.07 -27.24
N HIS C 58 19.13 35.35 -26.77
CA HIS C 58 18.25 35.88 -25.73
C HIS C 58 19.02 36.02 -24.42
N PRO C 59 18.83 37.12 -23.68
CA PRO C 59 19.64 37.35 -22.47
C PRO C 59 19.55 36.23 -21.45
N VAL C 60 18.34 35.74 -21.17
CA VAL C 60 18.19 34.62 -20.25
C VAL C 60 18.91 33.39 -20.79
N CYS C 61 18.88 33.20 -22.12
CA CYS C 61 19.60 32.09 -22.72
C CYS C 61 21.11 32.30 -22.65
N VAL C 62 21.56 33.54 -22.80
CA VAL C 62 23.00 33.82 -22.72
C VAL C 62 23.51 33.56 -21.31
N LYS C 63 22.75 33.97 -20.29
CA LYS C 63 23.17 33.72 -18.91
C LYS C 63 23.02 32.25 -18.54
N HIS C 64 22.00 31.57 -19.08
CA HIS C 64 21.73 30.18 -18.77
C HIS C 64 21.53 29.43 -20.07
N PRO C 65 22.60 28.92 -20.68
CA PRO C 65 22.51 28.32 -22.01
C PRO C 65 21.90 26.93 -21.96
N PRO C 66 21.24 26.51 -23.04
CA PRO C 66 20.72 25.13 -23.10
C PRO C 66 21.82 24.14 -23.44
N SER C 67 21.44 22.90 -23.75
CA SER C 67 22.41 21.92 -24.19
C SER C 67 23.01 22.35 -25.53
N VAL C 68 24.31 22.06 -25.70
CA VAL C 68 25.01 22.53 -26.90
C VAL C 68 24.43 21.92 -28.16
N LYS C 69 24.01 20.66 -28.09
CA LYS C 69 23.45 19.98 -29.25
C LYS C 69 22.18 20.67 -29.73
N TYR C 70 21.33 21.11 -28.80
CA TYR C 70 20.08 21.77 -29.19
C TYR C 70 20.35 23.10 -29.87
N ALA C 71 21.36 23.84 -29.41
CA ALA C 71 21.67 25.13 -30.00
C ALA C 71 22.21 24.98 -31.42
N ARG C 72 23.00 23.93 -31.66
CA ARG C 72 23.54 23.71 -32.99
C ARG C 72 22.45 23.25 -33.96
N CYS C 73 21.64 22.27 -33.54
CA CYS C 73 20.59 21.76 -34.41
C CYS C 73 19.59 22.84 -34.78
N PHE C 74 19.33 23.78 -33.87
CA PHE C 74 18.40 24.86 -34.17
C PHE C 74 19.01 25.84 -35.16
N LEU C 75 20.29 26.19 -35.00
CA LEU C 75 20.91 27.16 -35.89
C LEU C 75 21.22 26.55 -37.25
N SER C 76 21.53 25.25 -37.31
CA SER C 76 21.72 24.61 -38.60
C SER C 76 20.41 24.53 -39.37
N GLU C 77 19.31 24.24 -38.68
CA GLU C 77 17.99 24.27 -39.33
C GLU C 77 17.59 25.69 -39.68
N LEU C 78 17.88 26.65 -38.80
CA LEU C 78 17.56 28.04 -39.09
C LEU C 78 18.31 28.55 -40.31
N ILE C 79 19.58 28.16 -40.44
CA ILE C 79 20.36 28.57 -41.61
C ILE C 79 19.89 27.81 -42.85
N LYS C 80 19.57 26.52 -42.70
CA LYS C 80 19.06 25.74 -43.82
C LYS C 80 17.85 26.41 -44.45
N LYS C 81 16.94 26.93 -43.62
CA LYS C 81 15.80 27.67 -44.15
C LYS C 81 16.24 28.98 -44.79
N HIS C 82 17.30 29.59 -44.27
CA HIS C 82 17.80 30.84 -44.84
C HIS C 82 18.52 30.61 -46.16
N GLU C 83 19.24 29.50 -46.28
CA GLU C 83 20.00 29.24 -47.50
C GLU C 83 19.09 29.05 -48.70
N ALA C 84 17.90 28.48 -48.49
CA ALA C 84 16.98 28.28 -49.61
C ALA C 84 16.32 29.58 -50.07
N VAL C 85 16.35 30.61 -49.23
CA VAL C 85 15.72 31.88 -49.61
C VAL C 85 16.55 32.61 -50.67
N HIS C 86 17.86 32.33 -50.72
CA HIS C 86 18.77 32.97 -51.67
C HIS C 86 18.74 34.50 -51.54
N THR C 87 18.60 34.97 -50.31
CA THR C 87 18.64 36.39 -50.03
C THR C 87 20.08 36.82 -49.80
N GLU C 88 20.28 38.06 -49.37
CA GLU C 88 21.62 38.51 -48.98
C GLU C 88 22.06 37.74 -47.75
N PRO C 89 23.22 37.08 -47.79
CA PRO C 89 23.63 36.26 -46.64
C PRO C 89 23.79 37.10 -45.38
N LEU C 90 23.27 36.57 -44.28
CA LEU C 90 23.36 37.22 -42.97
C LEU C 90 24.55 36.64 -42.22
N ASP C 91 25.54 37.48 -41.94
CA ASP C 91 26.77 37.02 -41.31
C ASP C 91 26.61 36.73 -39.82
N GLU C 92 25.46 37.06 -39.23
CA GLU C 92 25.31 36.92 -37.78
C GLU C 92 24.94 35.49 -37.38
N LEU C 93 24.01 34.88 -38.11
CA LEU C 93 23.63 33.50 -37.82
C LEU C 93 24.83 32.57 -37.90
N TYR C 94 25.68 32.76 -38.91
CA TYR C 94 26.85 31.91 -39.07
C TYR C 94 27.84 32.10 -37.93
N GLU C 95 27.99 33.33 -37.44
CA GLU C 95 28.90 33.58 -36.32
C GLU C 95 28.37 32.95 -35.03
N ALA C 96 27.07 33.06 -34.78
CA ALA C 96 26.48 32.39 -33.63
C ALA C 96 26.66 30.87 -33.73
N LEU C 97 26.44 30.32 -34.93
CA LEU C 97 26.64 28.88 -35.12
C LEU C 97 28.09 28.50 -34.88
N ALA C 98 29.02 29.33 -35.34
CA ALA C 98 30.43 29.13 -35.05
C ALA C 98 30.67 29.05 -33.55
N GLU C 99 30.04 29.95 -32.79
CA GLU C 99 30.19 29.91 -31.33
C GLU C 99 29.57 28.65 -30.73
N THR C 100 28.51 28.12 -31.34
CA THR C 100 27.79 26.99 -30.75
C THR C 100 28.73 25.83 -30.39
N LEU C 101 29.60 25.43 -31.32
CA LEU C 101 30.56 24.37 -31.05
C LEU C 101 32.01 24.83 -31.14
N MET C 102 32.25 26.15 -31.17
CA MET C 102 33.58 26.63 -30.85
C MET C 102 33.91 26.32 -29.39
N ALA C 103 32.96 26.56 -28.50
CA ALA C 103 32.93 26.00 -27.15
C ALA C 103 31.85 24.92 -27.11
N LYS C 104 32.15 23.78 -26.49
CA LYS C 104 31.27 22.63 -26.59
C LYS C 104 31.21 21.88 -25.27
N GLU C 105 30.26 20.94 -25.22
CA GLU C 105 30.17 19.94 -24.15
C GLU C 105 29.77 20.55 -22.80
N SER C 106 28.83 21.48 -22.83
CA SER C 106 28.25 21.97 -21.59
C SER C 106 27.19 21.00 -21.08
N THR C 107 27.23 20.72 -19.78
CA THR C 107 26.38 19.68 -19.19
C THR C 107 25.05 20.22 -18.69
N GLN C 108 25.04 21.47 -18.19
CA GLN C 108 23.88 22.00 -17.48
C GLN C 108 22.58 21.82 -18.25
N GLY C 109 22.54 22.31 -19.49
CA GLY C 109 21.33 22.22 -20.29
C GLY C 109 20.16 22.95 -19.67
N HIS C 110 20.35 24.24 -19.42
CA HIS C 110 19.34 25.03 -18.73
C HIS C 110 18.09 25.22 -19.58
N ARG C 111 16.93 25.13 -18.95
CA ARG C 111 15.65 25.41 -19.58
C ARG C 111 14.97 26.56 -18.84
N SER C 112 14.50 27.55 -19.58
CA SER C 112 13.91 28.75 -19.00
C SER C 112 12.49 28.93 -19.48
N TYR C 113 11.66 29.51 -18.62
CA TYR C 113 10.26 29.79 -18.91
C TYR C 113 9.93 31.22 -18.54
N LEU C 114 9.34 31.96 -19.47
CA LEU C 114 9.08 33.37 -19.30
C LEU C 114 7.81 33.60 -18.48
N LEU C 115 7.83 34.66 -17.67
CA LEU C 115 6.73 35.02 -16.81
C LEU C 115 6.11 36.35 -17.25
N PRO C 116 4.82 36.55 -16.98
CA PRO C 116 4.19 37.83 -17.36
C PRO C 116 4.77 39.02 -16.61
N SER C 117 5.44 38.79 -15.48
CA SER C 117 6.07 39.85 -14.71
C SER C 117 7.38 40.33 -15.32
N GLY C 118 7.80 39.75 -16.44
CA GLY C 118 9.09 40.04 -17.02
C GLY C 118 10.23 39.17 -16.55
N GLY C 119 10.03 38.42 -15.46
CA GLY C 119 11.02 37.50 -14.96
C GLY C 119 10.96 36.16 -15.67
N SER C 120 11.72 35.21 -15.13
CA SER C 120 11.80 33.89 -15.73
C SER C 120 12.12 32.86 -14.65
N VAL C 121 11.75 31.62 -14.94
CA VAL C 121 12.09 30.47 -14.11
C VAL C 121 13.10 29.63 -14.88
N THR C 122 14.29 29.48 -14.32
CA THR C 122 15.40 28.78 -14.95
C THR C 122 15.72 27.51 -14.17
N LEU C 123 15.76 26.39 -14.88
CA LEU C 123 15.99 25.08 -14.28
C LEU C 123 17.20 24.40 -14.92
N SER C 124 18.01 23.76 -14.09
CA SER C 124 19.03 22.84 -14.55
C SER C 124 18.44 21.43 -14.52
N GLU C 125 18.18 20.87 -15.68
CA GLU C 125 17.45 19.62 -15.80
C GLU C 125 18.34 18.53 -16.40
N SER C 126 17.84 17.31 -16.37
CA SER C 126 18.48 16.19 -17.03
C SER C 126 18.09 16.15 -18.50
N THR C 134 14.69 7.72 -12.44
CA THR C 134 13.54 8.50 -11.98
C THR C 134 13.00 9.39 -13.11
N THR C 135 11.70 9.66 -13.06
CA THR C 135 11.02 10.49 -14.04
C THR C 135 10.81 11.92 -13.54
N GLY C 136 11.50 12.31 -12.47
CA GLY C 136 11.40 13.65 -11.92
C GLY C 136 12.53 14.61 -12.22
N LEU C 137 13.50 14.22 -13.06
CA LEU C 137 14.61 15.11 -13.42
C LEU C 137 14.31 15.96 -14.65
N VAL C 138 13.09 15.88 -15.18
CA VAL C 138 12.67 16.67 -16.33
C VAL C 138 11.31 17.29 -16.02
N THR C 139 10.98 18.33 -16.77
CA THR C 139 9.73 19.05 -16.60
C THR C 139 8.63 18.40 -17.46
N TRP C 140 7.48 18.16 -16.85
CA TRP C 140 6.33 17.60 -17.55
C TRP C 140 5.30 18.70 -17.82
N ASP C 141 4.37 18.38 -18.73
CA ASP C 141 3.47 19.40 -19.26
C ASP C 141 2.36 19.76 -18.28
N ALA C 142 1.92 18.82 -17.44
CA ALA C 142 0.90 19.14 -16.45
C ALA C 142 1.42 20.10 -15.39
N ALA C 143 2.73 20.08 -15.13
CA ALA C 143 3.32 21.10 -14.27
C ALA C 143 3.15 22.48 -14.88
N LEU C 144 3.37 22.60 -16.20
CA LEU C 144 3.12 23.86 -16.91
C LEU C 144 1.66 24.25 -16.80
N TYR C 145 0.74 23.30 -16.99
CA TYR C 145 -0.68 23.59 -16.88
C TYR C 145 -1.03 24.12 -15.49
N LEU C 146 -0.51 23.46 -14.46
CA LEU C 146 -0.83 23.86 -13.08
C LEU C 146 -0.23 25.22 -12.75
N ALA C 147 1.00 25.49 -13.21
CA ALA C 147 1.62 26.79 -12.96
C ALA C 147 0.84 27.90 -13.68
N GLU C 148 0.38 27.62 -14.90
CA GLU C 148 -0.43 28.62 -15.61
C GLU C 148 -1.74 28.89 -14.88
N TRP C 149 -2.40 27.83 -14.43
CA TRP C 149 -3.63 28.01 -13.66
C TRP C 149 -3.38 28.80 -12.38
N ALA C 150 -2.25 28.53 -11.71
CA ALA C 150 -1.92 29.25 -10.48
C ALA C 150 -1.64 30.72 -10.76
N ILE C 151 -1.01 31.01 -11.90
CA ILE C 151 -0.77 32.41 -12.26
C ILE C 151 -2.07 33.12 -12.58
N GLU C 152 -3.01 32.43 -13.23
CA GLU C 152 -4.31 33.03 -13.49
C GLU C 152 -5.20 33.09 -12.25
N ASN C 153 -4.91 32.31 -11.22
CA ASN C 153 -5.68 32.33 -9.97
C ASN C 153 -4.74 32.54 -8.78
N PRO C 154 -4.06 33.69 -8.71
CA PRO C 154 -3.06 33.87 -7.64
C PRO C 154 -3.65 34.02 -6.26
N ALA C 155 -4.95 34.33 -6.15
CA ALA C 155 -5.55 34.52 -4.84
C ALA C 155 -5.55 33.24 -4.02
N VAL C 156 -5.46 32.07 -4.67
CA VAL C 156 -5.43 30.82 -3.93
C VAL C 156 -4.16 30.69 -3.11
N PHE C 157 -3.07 31.30 -3.56
CA PHE C 157 -1.75 31.09 -2.97
C PHE C 157 -1.17 32.31 -2.30
N THR C 158 -1.74 33.49 -2.50
CA THR C 158 -1.17 34.72 -1.96
C THR C 158 -1.25 34.73 -0.45
N ASN C 159 -0.10 34.90 0.20
CA ASN C 159 0.03 34.92 1.66
C ASN C 159 -0.52 33.63 2.29
N ARG C 160 -0.51 32.55 1.51
CA ARG C 160 -0.94 31.24 1.98
C ARG C 160 0.26 30.28 1.99
N THR C 161 0.12 29.22 2.77
CA THR C 161 1.14 28.18 2.87
C THR C 161 0.79 27.05 1.91
N VAL C 162 1.68 26.78 0.97
CA VAL C 162 1.44 25.83 -0.11
C VAL C 162 2.38 24.64 0.05
N LEU C 163 1.83 23.44 -0.08
CA LEU C 163 2.59 22.19 -0.01
C LEU C 163 2.39 21.44 -1.32
N GLU C 164 3.49 21.11 -1.99
CA GLU C 164 3.46 20.41 -3.27
C GLU C 164 3.88 18.96 -3.06
N LEU C 165 3.02 18.04 -3.47
CA LEU C 165 3.33 16.61 -3.47
C LEU C 165 3.93 16.23 -4.81
N GLY C 166 5.13 15.64 -4.78
CA GLY C 166 5.82 15.29 -6.00
C GLY C 166 6.23 16.51 -6.80
N SER C 167 7.06 17.36 -6.20
CA SER C 167 7.45 18.61 -6.86
C SER C 167 8.31 18.36 -8.09
N GLY C 168 9.10 17.30 -8.10
CA GLY C 168 9.94 17.01 -9.25
C GLY C 168 10.98 18.09 -9.45
N ALA C 169 11.03 18.65 -10.66
CA ALA C 169 11.98 19.72 -10.94
C ALA C 169 11.62 21.02 -10.21
N GLY C 170 10.37 21.16 -9.78
CA GLY C 170 9.95 22.36 -9.07
C GLY C 170 9.52 23.50 -9.94
N LEU C 171 9.18 23.24 -11.21
CA LEU C 171 8.71 24.29 -12.11
C LEU C 171 7.51 25.01 -11.53
N THR C 172 6.46 24.25 -11.20
CA THR C 172 5.22 24.84 -10.72
C THR C 172 5.46 25.65 -9.45
N GLY C 173 6.24 25.10 -8.52
CA GLY C 173 6.47 25.79 -7.26
C GLY C 173 7.25 27.08 -7.43
N LEU C 174 8.25 27.07 -8.32
CA LEU C 174 9.02 28.28 -8.55
C LEU C 174 8.20 29.35 -9.25
N ALA C 175 7.39 28.94 -10.23
CA ALA C 175 6.48 29.88 -10.88
C ALA C 175 5.51 30.50 -9.88
N ILE C 176 5.00 29.68 -8.95
CA ILE C 176 4.09 30.21 -7.93
C ILE C 176 4.83 31.15 -6.99
N CYS C 177 6.04 30.79 -6.59
CA CYS C 177 6.81 31.64 -5.67
C CYS C 177 7.11 33.00 -6.29
N LYS C 178 7.34 33.04 -7.62
CA LYS C 178 7.65 34.30 -8.27
C LYS C 178 6.41 35.07 -8.74
N MET C 179 5.26 34.41 -8.86
CA MET C 179 4.07 35.06 -9.39
C MET C 179 2.95 35.24 -8.38
N CYS C 180 2.77 34.30 -7.45
CA CYS C 180 1.65 34.36 -6.53
C CYS C 180 2.02 34.76 -5.10
N ARG C 181 3.31 34.89 -4.78
CA ARG C 181 3.76 35.38 -3.47
C ARG C 181 3.16 34.60 -2.30
N PRO C 182 3.49 33.33 -2.13
CA PRO C 182 3.00 32.60 -0.97
C PRO C 182 3.71 33.02 0.29
N ARG C 183 3.04 32.86 1.43
CA ARG C 183 3.69 33.07 2.72
C ARG C 183 4.86 32.13 2.88
N ALA C 184 4.65 30.85 2.56
CA ALA C 184 5.69 29.85 2.59
C ALA C 184 5.38 28.80 1.53
N TYR C 185 6.42 28.17 1.01
CA TYR C 185 6.25 27.12 0.01
C TYR C 185 7.12 25.92 0.40
N ILE C 186 6.50 24.75 0.45
CA ILE C 186 7.17 23.51 0.83
C ILE C 186 7.18 22.59 -0.38
N PHE C 187 8.36 22.41 -0.98
CA PHE C 187 8.54 21.37 -1.98
C PHE C 187 8.73 20.03 -1.29
N SER C 188 8.05 19.00 -1.79
CA SER C 188 8.11 17.69 -1.16
C SER C 188 8.23 16.60 -2.22
N ASP C 189 9.20 15.71 -2.04
CA ASP C 189 9.37 14.54 -2.88
C ASP C 189 10.14 13.50 -2.09
N CYS C 190 10.17 12.28 -2.62
CA CYS C 190 10.80 11.17 -1.92
C CYS C 190 12.18 10.79 -2.46
N HIS C 191 12.47 11.12 -3.72
CA HIS C 191 13.72 10.70 -4.34
C HIS C 191 14.81 11.73 -4.01
N SER C 192 15.97 11.22 -3.58
CA SER C 192 17.01 12.11 -3.05
C SER C 192 17.63 12.98 -4.13
N ARG C 193 17.95 12.39 -5.29
CA ARG C 193 18.55 13.17 -6.37
C ARG C 193 17.61 14.24 -6.87
N VAL C 194 16.30 13.94 -6.89
CA VAL C 194 15.31 14.94 -7.27
C VAL C 194 15.33 16.09 -6.29
N LEU C 195 15.44 15.80 -4.99
CA LEU C 195 15.50 16.85 -3.98
C LEU C 195 16.76 17.68 -4.13
N GLU C 196 17.89 17.04 -4.46
CA GLU C 196 19.13 17.77 -4.65
C GLU C 196 19.02 18.74 -5.83
N GLN C 197 18.59 18.24 -6.99
CA GLN C 197 18.41 19.12 -8.15
C GLN C 197 17.36 20.19 -7.89
N LEU C 198 16.37 19.87 -7.04
CA LEU C 198 15.33 20.85 -6.72
C LEU C 198 15.90 21.99 -5.87
N ARG C 199 16.73 21.66 -4.88
CA ARG C 199 17.41 22.71 -4.11
C ARG C 199 18.30 23.54 -5.00
N GLY C 200 19.01 22.88 -5.92
CA GLY C 200 19.83 23.62 -6.87
C GLY C 200 19.02 24.58 -7.72
N ASN C 201 17.83 24.15 -8.16
CA ASN C 201 16.98 25.01 -8.96
C ASN C 201 16.38 26.15 -8.15
N VAL C 202 16.06 25.89 -6.87
CA VAL C 202 15.56 26.94 -5.99
C VAL C 202 16.62 28.02 -5.82
N LEU C 203 17.86 27.61 -5.59
CA LEU C 203 18.93 28.59 -5.44
C LEU C 203 19.27 29.27 -6.76
N LEU C 204 19.09 28.57 -7.89
CA LEU C 204 19.37 29.16 -9.19
C LEU C 204 18.42 30.30 -9.52
N ASN C 205 17.20 30.25 -8.99
CA ASN C 205 16.18 31.25 -9.29
C ASN C 205 16.15 32.38 -8.26
N GLY C 206 17.25 32.61 -7.54
CA GLY C 206 17.31 33.70 -6.58
C GLY C 206 16.49 33.52 -5.33
N LEU C 207 15.84 32.38 -5.15
CA LEU C 207 15.12 32.11 -3.92
C LEU C 207 16.09 31.58 -2.85
N SER C 208 15.62 31.56 -1.61
CA SER C 208 16.46 31.18 -0.48
C SER C 208 15.75 30.14 0.37
N LEU C 209 16.55 29.29 1.00
CA LEU C 209 16.04 28.22 1.85
C LEU C 209 15.86 28.74 3.28
N GLU C 210 15.59 27.83 4.21
CA GLU C 210 15.25 28.22 5.58
C GLU C 210 16.40 28.89 6.32
N ALA C 211 17.62 28.77 5.82
CA ALA C 211 18.76 29.40 6.50
C ALA C 211 18.61 30.92 6.51
N ASP C 212 18.12 31.49 5.42
CA ASP C 212 17.90 32.93 5.36
C ASP C 212 16.82 33.32 6.35
N ILE C 213 17.05 34.42 7.07
CA ILE C 213 16.13 34.88 8.09
C ILE C 213 15.48 36.19 7.68
N ASP C 218 10.31 40.36 0.82
CA ASP C 218 9.31 39.78 -0.06
C ASP C 218 9.80 38.42 -0.52
N SER C 219 10.15 37.56 0.43
CA SER C 219 10.70 36.25 0.13
C SER C 219 9.83 35.17 0.76
N PRO C 220 9.27 34.24 -0.02
CA PRO C 220 8.52 33.13 0.58
C PRO C 220 9.45 32.21 1.37
N ARG C 221 8.95 31.71 2.50
CA ARG C 221 9.70 30.71 3.25
C ARG C 221 9.77 29.43 2.43
N VAL C 222 10.79 29.30 1.60
CA VAL C 222 10.93 28.15 0.71
C VAL C 222 11.70 27.06 1.43
N THR C 223 11.11 25.87 1.50
CA THR C 223 11.75 24.69 2.08
C THR C 223 11.57 23.51 1.13
N VAL C 224 12.52 22.60 1.16
CA VAL C 224 12.48 21.39 0.35
C VAL C 224 12.60 20.22 1.33
N ALA C 225 11.47 19.59 1.64
CA ALA C 225 11.41 18.52 2.63
C ALA C 225 11.13 17.19 1.94
N GLN C 226 11.72 16.12 2.48
CA GLN C 226 11.44 14.78 1.99
C GLN C 226 10.12 14.28 2.57
N LEU C 227 9.22 13.83 1.69
CA LEU C 227 7.89 13.38 2.11
C LEU C 227 7.52 12.16 1.27
N ASP C 228 7.85 10.97 1.78
CA ASP C 228 7.48 9.74 1.10
C ASP C 228 6.02 9.43 1.41
N TRP C 229 5.22 9.26 0.36
CA TRP C 229 3.79 9.06 0.52
C TRP C 229 3.44 7.75 1.21
N ASP C 230 4.37 6.79 1.22
CA ASP C 230 4.05 5.46 1.72
C ASP C 230 4.03 5.40 3.24
N VAL C 231 4.92 6.16 3.90
CA VAL C 231 5.06 6.13 5.35
C VAL C 231 4.86 7.51 5.97
N ALA C 232 4.34 8.47 5.20
CA ALA C 232 4.07 9.80 5.75
C ALA C 232 3.10 9.70 6.92
N THR C 233 3.50 10.22 8.07
CA THR C 233 2.68 10.12 9.27
C THR C 233 1.81 11.37 9.43
N VAL C 234 0.76 11.22 10.23
CA VAL C 234 -0.14 12.33 10.46
C VAL C 234 0.55 13.44 11.24
N HIS C 235 1.49 13.09 12.13
CA HIS C 235 2.25 14.09 12.86
C HIS C 235 3.15 14.90 11.92
N GLN C 236 3.92 14.20 11.09
CA GLN C 236 4.80 14.88 10.13
C GLN C 236 4.00 15.77 9.19
N LEU C 237 2.87 15.27 8.69
CA LEU C 237 2.06 16.05 7.76
C LEU C 237 1.38 17.22 8.45
N SER C 238 0.99 17.07 9.71
CA SER C 238 0.44 18.19 10.46
C SER C 238 1.51 19.24 10.74
N ALA C 239 2.78 18.83 10.81
CA ALA C 239 3.86 19.78 11.08
C ALA C 239 3.98 20.84 9.99
N PHE C 240 3.58 20.50 8.75
CA PHE C 240 3.68 21.47 7.66
C PHE C 240 2.64 22.58 7.79
N GLN C 241 1.45 22.26 8.32
CA GLN C 241 0.35 23.20 8.43
C GLN C 241 0.03 23.88 7.09
N PRO C 242 -0.32 23.12 6.06
CA PRO C 242 -0.57 23.73 4.76
C PRO C 242 -1.98 24.28 4.64
N ASP C 243 -2.10 25.43 3.99
CA ASP C 243 -3.40 25.95 3.60
C ASP C 243 -3.83 25.47 2.21
N VAL C 244 -2.86 25.28 1.31
CA VAL C 244 -3.13 24.75 -0.02
C VAL C 244 -2.17 23.58 -0.26
N VAL C 245 -2.65 22.56 -0.96
CA VAL C 245 -1.87 21.38 -1.31
C VAL C 245 -2.09 21.10 -2.78
N ILE C 246 -1.00 21.10 -3.56
CA ILE C 246 -1.08 20.89 -4.99
C ILE C 246 -0.19 19.70 -5.37
N ALA C 247 -0.62 18.99 -6.42
CA ALA C 247 0.13 17.88 -6.99
C ALA C 247 0.02 17.95 -8.50
N ALA C 248 1.14 17.75 -9.19
CA ALA C 248 1.19 17.93 -10.64
C ALA C 248 1.65 16.64 -11.30
N ASP C 249 0.75 15.99 -12.04
CA ASP C 249 1.05 14.83 -12.87
C ASP C 249 1.73 13.72 -12.07
N VAL C 250 1.07 13.30 -10.99
CA VAL C 250 1.59 12.23 -10.13
C VAL C 250 0.86 10.92 -10.36
N LEU C 251 -0.01 10.86 -11.38
CA LEU C 251 -0.81 9.67 -11.66
C LEU C 251 -0.20 8.79 -12.74
N TYR C 252 1.08 8.98 -13.06
CA TYR C 252 1.70 8.21 -14.13
C TYR C 252 1.82 6.74 -13.77
N CYS C 253 2.11 6.44 -12.50
CA CYS C 253 2.26 5.07 -12.03
C CYS C 253 1.03 4.65 -11.25
N PRO C 254 0.28 3.65 -11.72
CA PRO C 254 -1.03 3.35 -11.10
C PRO C 254 -0.94 2.76 -9.70
N GLU C 255 0.11 2.02 -9.38
CA GLU C 255 0.14 1.26 -8.12
C GLU C 255 0.17 2.18 -6.90
N ALA C 256 0.67 3.41 -7.05
CA ALA C 256 0.86 4.31 -5.92
C ALA C 256 -0.40 5.12 -5.58
N TYR C 257 -1.55 4.79 -6.19
CA TYR C 257 -2.73 5.63 -6.03
C TYR C 257 -3.25 5.59 -4.61
N TYR C 258 -3.29 4.40 -3.99
CA TYR C 258 -3.79 4.29 -2.63
C TYR C 258 -2.89 5.08 -1.67
N SER C 259 -1.56 4.97 -1.83
CA SER C 259 -0.66 5.66 -0.93
C SER C 259 -0.85 7.17 -1.02
N LEU C 260 -1.00 7.70 -2.23
CA LEU C 260 -1.30 9.11 -2.40
C LEU C 260 -2.62 9.47 -1.70
N VAL C 261 -3.67 8.69 -1.97
CA VAL C 261 -4.96 8.92 -1.36
C VAL C 261 -4.85 8.89 0.16
N GLY C 262 -4.04 7.98 0.69
CA GLY C 262 -3.81 7.96 2.12
C GLY C 262 -3.20 9.24 2.63
N VAL C 263 -2.24 9.80 1.89
CA VAL C 263 -1.59 11.04 2.30
C VAL C 263 -2.59 12.20 2.33
N LEU C 264 -3.37 12.33 1.25
CA LEU C 264 -4.44 13.32 1.23
C LEU C 264 -5.41 13.10 2.39
N ARG C 265 -5.60 11.84 2.78
CA ARG C 265 -6.45 11.52 3.93
C ARG C 265 -5.83 12.01 5.23
N ARG C 266 -4.54 11.75 5.44
CA ARG C 266 -3.87 12.21 6.65
C ARG C 266 -3.76 13.73 6.67
N LEU C 267 -3.62 14.35 5.49
CA LEU C 267 -3.63 15.81 5.42
C LEU C 267 -4.96 16.36 5.90
N ALA C 268 -6.06 15.65 5.65
CA ALA C 268 -7.36 16.05 6.19
C ALA C 268 -7.36 15.96 7.71
N ALA C 269 -6.76 14.90 8.26
CA ALA C 269 -6.65 14.74 9.70
C ALA C 269 -5.66 15.70 10.34
N CYS C 270 -4.93 16.49 9.55
CA CYS C 270 -3.99 17.46 10.09
C CYS C 270 -4.70 18.69 10.65
N GLN C 274 -9.26 22.82 12.82
CA GLN C 274 -8.80 23.79 11.84
C GLN C 274 -9.44 23.54 10.48
N ARG C 275 -9.38 24.55 9.61
CA ARG C 275 -9.97 24.43 8.28
C ARG C 275 -9.20 23.42 7.45
N ALA C 276 -9.94 22.58 6.72
CA ALA C 276 -9.32 21.59 5.85
C ALA C 276 -8.62 22.30 4.70
N PRO C 277 -7.46 21.82 4.27
CA PRO C 277 -6.71 22.50 3.21
C PRO C 277 -7.33 22.25 1.84
N GLU C 278 -7.31 23.30 1.01
CA GLU C 278 -7.69 23.15 -0.38
C GLU C 278 -6.70 22.23 -1.08
N VAL C 279 -7.20 21.37 -1.97
CA VAL C 279 -6.38 20.38 -2.65
C VAL C 279 -6.63 20.47 -4.15
N TYR C 280 -5.55 20.57 -4.93
CA TYR C 280 -5.63 20.63 -6.38
C TYR C 280 -4.64 19.62 -6.96
N VAL C 281 -5.13 18.79 -7.88
CA VAL C 281 -4.31 17.75 -8.52
C VAL C 281 -4.48 17.87 -10.02
N ALA C 282 -3.41 18.26 -10.72
CA ALA C 282 -3.41 18.37 -12.17
C ALA C 282 -2.60 17.22 -12.76
N PHE C 283 -3.02 16.76 -13.94
CA PHE C 283 -2.36 15.63 -14.57
C PHE C 283 -2.66 15.60 -16.06
N THR C 284 -1.73 15.02 -16.82
CA THR C 284 -1.94 14.78 -18.24
C THR C 284 -2.69 13.48 -18.45
N VAL C 285 -3.75 13.54 -19.24
CA VAL C 285 -4.59 12.37 -19.51
C VAL C 285 -3.96 11.53 -20.61
N ARG C 286 -3.04 10.65 -20.23
CA ARG C 286 -2.45 9.71 -21.21
C ARG C 286 -3.24 8.40 -21.28
N ASN C 287 -3.96 8.05 -20.22
CA ASN C 287 -4.80 6.86 -20.24
C ASN C 287 -6.06 7.17 -19.42
N PRO C 288 -7.25 7.03 -20.00
CA PRO C 288 -8.47 7.31 -19.22
C PRO C 288 -8.69 6.34 -18.07
N GLU C 289 -8.27 5.08 -18.21
CA GLU C 289 -8.38 4.12 -17.11
C GLU C 289 -7.63 4.63 -15.88
N THR C 290 -6.47 5.26 -16.10
CA THR C 290 -5.73 5.94 -15.05
C THR C 290 -6.60 6.88 -14.22
N CYS C 291 -7.21 7.86 -14.89
CA CYS C 291 -8.03 8.85 -14.20
C CYS C 291 -9.23 8.18 -13.52
N GLN C 292 -9.84 7.19 -14.18
CA GLN C 292 -10.97 6.50 -13.57
C GLN C 292 -10.54 5.81 -12.27
N LEU C 293 -9.37 5.18 -12.27
CA LEU C 293 -8.90 4.50 -11.07
C LEU C 293 -8.63 5.49 -9.95
N PHE C 294 -8.00 6.62 -10.26
CA PHE C 294 -7.74 7.61 -9.22
C PHE C 294 -9.04 8.13 -8.63
N THR C 295 -10.03 8.45 -9.47
CA THR C 295 -11.30 8.94 -8.97
C THR C 295 -12.02 7.88 -8.15
N THR C 296 -11.90 6.60 -8.55
CA THR C 296 -12.53 5.54 -7.78
C THR C 296 -11.93 5.41 -6.40
N TYR C 297 -10.59 5.48 -6.29
CA TYR C 297 -9.98 5.43 -4.97
C TYR C 297 -10.34 6.65 -4.14
N LEU C 298 -10.39 7.83 -4.76
CA LEU C 298 -10.84 9.02 -4.04
C LEU C 298 -12.24 8.84 -3.47
N GLY C 299 -13.14 8.25 -4.27
CA GLY C 299 -14.48 8.00 -3.77
C GLY C 299 -14.53 6.98 -2.66
N ARG C 300 -13.73 5.91 -2.79
CA ARG C 300 -13.74 4.87 -1.77
C ARG C 300 -13.20 5.38 -0.44
N ALA C 301 -12.18 6.23 -0.47
CA ALA C 301 -11.60 6.70 0.79
C ALA C 301 -12.35 7.88 1.40
N GLY C 302 -13.30 8.47 0.68
CA GLY C 302 -14.09 9.55 1.23
C GLY C 302 -13.50 10.93 1.00
N ILE C 303 -13.28 11.28 -0.26
CA ILE C 303 -12.82 12.62 -0.65
C ILE C 303 -13.63 13.04 -1.86
N ARG C 304 -14.32 14.18 -1.75
CA ARG C 304 -15.12 14.65 -2.88
C ARG C 304 -14.23 15.37 -3.89
N TRP C 305 -14.63 15.34 -5.15
CA TRP C 305 -13.80 15.89 -6.20
C TRP C 305 -14.66 16.52 -7.29
N GLU C 306 -14.11 17.58 -7.90
CA GLU C 306 -14.76 18.26 -9.00
C GLU C 306 -13.72 18.53 -10.09
N VAL C 307 -14.19 18.61 -11.33
CA VAL C 307 -13.33 18.87 -12.47
C VAL C 307 -13.23 20.38 -12.67
N GLU C 308 -12.01 20.91 -12.56
CA GLU C 308 -11.80 22.33 -12.78
C GLU C 308 -11.94 22.65 -14.27
N PRO C 309 -12.45 23.84 -14.60
CA PRO C 309 -12.58 24.21 -16.01
C PRO C 309 -11.21 24.29 -16.69
N ARG C 310 -11.17 23.86 -17.95
CA ARG C 310 -9.94 23.96 -18.72
C ARG C 310 -9.62 25.42 -18.99
N HIS C 311 -8.34 25.78 -18.81
CA HIS C 311 -7.87 27.11 -19.18
C HIS C 311 -7.08 27.03 -20.48
N GLU C 312 -7.09 28.14 -21.22
CA GLU C 312 -6.42 28.19 -22.50
C GLU C 312 -4.91 28.30 -22.33
N GLN C 313 -4.18 27.72 -23.28
CA GLN C 313 -2.73 27.83 -23.32
C GLN C 313 -2.35 29.21 -23.83
N LYS C 314 -1.96 30.09 -22.90
CA LYS C 314 -1.62 31.46 -23.24
C LYS C 314 -0.18 31.84 -22.94
N LEU C 315 0.49 31.13 -22.04
CA LEU C 315 1.80 31.54 -21.55
C LEU C 315 2.87 30.49 -21.77
N PHE C 316 2.64 29.26 -21.34
CA PHE C 316 3.68 28.25 -21.40
C PHE C 316 3.46 27.28 -22.55
N PRO C 317 4.55 26.81 -23.17
CA PRO C 317 4.43 25.96 -24.37
C PRO C 317 4.37 24.46 -24.07
N TYR C 318 3.27 24.02 -23.48
CA TYR C 318 3.05 22.59 -23.38
C TYR C 318 2.38 22.06 -24.65
N GLU C 319 2.44 20.75 -24.83
CA GLU C 319 1.95 20.14 -26.06
C GLU C 319 0.44 20.30 -26.17
N GLU C 320 -0.01 20.89 -27.28
CA GLU C 320 -1.43 21.22 -27.44
C GLU C 320 -2.28 19.97 -27.54
N HIS C 321 -1.76 18.92 -28.18
CA HIS C 321 -2.53 17.70 -28.40
C HIS C 321 -2.76 16.90 -27.12
N LEU C 322 -2.04 17.21 -26.04
CA LEU C 322 -2.20 16.46 -24.80
C LEU C 322 -3.40 16.97 -24.01
N GLU C 323 -4.23 16.04 -23.56
CA GLU C 323 -5.40 16.39 -22.74
C GLU C 323 -4.97 16.60 -21.30
N MET C 324 -5.14 17.82 -20.81
CA MET C 324 -4.83 18.17 -19.42
C MET C 324 -6.12 18.16 -18.61
N ALA C 325 -6.02 17.69 -17.37
CA ALA C 325 -7.14 17.69 -16.45
C ALA C 325 -6.66 18.16 -15.08
N MET C 326 -7.58 18.70 -14.30
CA MET C 326 -7.25 19.13 -12.95
C MET C 326 -8.48 18.98 -12.08
N LEU C 327 -8.27 18.43 -10.88
CA LEU C 327 -9.34 18.14 -9.95
C LEU C 327 -9.16 18.97 -8.69
N ASN C 328 -10.26 19.57 -8.24
CA ASN C 328 -10.35 20.25 -6.95
C ASN C 328 -10.98 19.27 -5.97
N LEU C 329 -10.26 18.95 -4.89
CA LEU C 329 -10.70 17.95 -3.93
C LEU C 329 -11.10 18.61 -2.62
N THR C 330 -12.22 18.17 -2.08
CA THR C 330 -12.66 18.51 -0.74
C THR C 330 -12.40 17.30 0.16
N LEU C 331 -11.56 17.50 1.17
CA LEU C 331 -11.20 16.46 2.11
C LEU C 331 -12.23 16.33 3.22
#